data_7DXI
#
_entry.id   7DXI
#
_cell.length_a   1.00
_cell.length_b   1.00
_cell.length_c   1.00
_cell.angle_alpha   90.00
_cell.angle_beta   90.00
_cell.angle_gamma   90.00
#
_symmetry.space_group_name_H-M   'P 1'
#
loop_
_entity.id
_entity.type
_entity.pdbx_description
1 polymer FI02838p
2 non-polymer 'CALCIUM ION'
#
_entity_poly.entity_id   1
_entity_poly.type   'polypeptide(L)'
_entity_poly.pdbx_seq_one_letter_code
;EEGQTGGFSSACTAIDAVYTWVNGSDPNFIEDIRRFDDKYDPSRFDDKNELRYSLRSLEKHAAWIRHVYIVTNGQIPSWL
DLSYERVTVVPHEVLAPDPDQLPTFSSSAIETFLHRIPKLSKRFLYLNDDIFLGAPLYPEDLYTEAEGVRVYQAWMVPDC
ALDCPWTYIGDGACDRHCNIDACQFDGGDCSETGPASDAHVIPPSKEVLEVQPAAVPQSRVHRFPQMGLQKLFRRSSANF
KDVMRHRNVSTLKELRRIVERFNKAKLMSLNPELETSSSEPQTTQRHGLRKEDFKSSTDIYSHSLIATNMLLNRAYGFKA
RHVLAHVGFLIDKDIVEAMQRRFHQQILDTAHQRFRAPTDLQYAFAYYSFLMSETKVMSVEEIFDEFDTDGSATWSDREV
RTFLTRIYQPPLDWSAMRYFEEVVQNCTRNLGMHLKVDTVEHSTLVYERYEDSNLPTITRDLVVRCPLLAEALAANFAVR
PKYNFHVSPKRTSHSNFMMLTSNLTEVVESLDRLRRNPRKFNCINDNLDANRGEDNEMVRHLLEDFYLSFFPRRSKFELP
PQYRNRFESWRDFQRWKRRKR
;
_entity_poly.pdbx_strand_id   A,B
#
loop_
_chem_comp.id
_chem_comp.type
_chem_comp.name
_chem_comp.formula
CA non-polymer 'CALCIUM ION' 'Ca 2'
#
# COMPACT_ATOMS: atom_id res chain seq x y z
N ALA A 11 1.16 14.01 -0.33
CA ALA A 11 1.84 14.35 -1.58
C ALA A 11 3.34 14.09 -1.47
N CYS A 12 3.72 12.82 -1.39
CA CYS A 12 5.13 12.46 -1.31
C CYS A 12 5.84 12.72 -2.63
N THR A 13 5.24 12.27 -3.74
CA THR A 13 5.85 12.37 -5.05
C THR A 13 4.88 13.03 -6.03
N ALA A 14 5.45 13.68 -7.04
CA ALA A 14 4.69 14.23 -8.13
C ALA A 14 4.17 13.12 -9.05
N ILE A 15 3.10 13.41 -9.77
CA ILE A 15 2.57 12.42 -10.69
C ILE A 15 2.46 12.97 -12.12
N ASP A 16 1.71 14.08 -12.31
CA ASP A 16 1.59 14.79 -13.59
C ASP A 16 1.00 13.90 -14.70
N ALA A 17 -0.30 13.62 -14.58
CA ALA A 17 -1.03 12.84 -15.57
C ALA A 17 -1.07 13.52 -16.94
N VAL A 18 -1.35 12.72 -17.97
CA VAL A 18 -1.38 13.19 -19.35
C VAL A 18 -2.71 12.79 -20.00
N TYR A 19 -3.03 13.46 -21.10
CA TYR A 19 -4.28 13.25 -21.83
C TYR A 19 -4.00 13.44 -23.32
N THR A 20 -4.92 12.99 -24.18
CA THR A 20 -4.70 13.10 -25.61
C THR A 20 -5.68 14.03 -26.34
N TRP A 21 -6.98 13.72 -26.34
CA TRP A 21 -8.03 14.54 -26.95
C TRP A 21 -7.78 14.85 -28.43
N VAL A 22 -7.97 13.84 -29.27
CA VAL A 22 -8.09 14.12 -30.70
C VAL A 22 -9.50 14.65 -30.99
N ASN A 23 -9.59 15.64 -31.88
CA ASN A 23 -10.86 16.26 -32.24
C ASN A 23 -11.11 16.06 -33.72
N GLY A 24 -12.18 15.34 -34.06
CA GLY A 24 -12.48 15.02 -35.44
C GLY A 24 -13.68 15.76 -35.99
N SER A 25 -13.78 17.04 -35.68
CA SER A 25 -14.90 17.86 -36.12
C SER A 25 -14.50 19.10 -36.91
N ASP A 26 -13.34 19.67 -36.64
CA ASP A 26 -12.90 20.85 -37.35
C ASP A 26 -12.49 20.49 -38.77
N PRO A 27 -12.57 21.44 -39.71
CA PRO A 27 -12.15 21.16 -41.10
C PRO A 27 -10.66 20.85 -41.25
N ASN A 28 -9.79 21.41 -40.42
CA ASN A 28 -8.36 21.24 -40.62
C ASN A 28 -7.86 19.86 -40.21
N PHE A 29 -8.68 19.05 -39.55
CA PHE A 29 -8.34 17.66 -39.28
C PHE A 29 -8.89 16.75 -40.37
N ILE A 30 -10.12 16.99 -40.82
CA ILE A 30 -10.72 16.16 -41.84
C ILE A 30 -10.10 16.43 -43.22
N GLU A 31 -9.48 17.60 -43.41
CA GLU A 31 -8.70 17.83 -44.63
C GLU A 31 -7.48 16.92 -44.68
N ASP A 32 -6.79 16.76 -43.55
CA ASP A 32 -5.61 15.90 -43.53
C ASP A 32 -6.01 14.43 -43.52
N ILE A 33 -7.18 14.09 -42.99
CA ILE A 33 -7.69 12.73 -43.14
C ILE A 33 -8.03 12.44 -44.61
N ARG A 34 -8.65 13.41 -45.29
CA ARG A 34 -8.93 13.29 -46.71
C ARG A 34 -7.68 13.25 -47.57
N ARG A 35 -6.57 13.82 -47.08
CA ARG A 35 -5.31 13.76 -47.80
C ARG A 35 -4.74 12.35 -47.85
N PHE A 36 -5.09 11.49 -46.90
CA PHE A 36 -4.44 10.20 -46.77
C PHE A 36 -5.42 9.05 -46.98
N LYS A 48 -17.48 13.80 -27.92
CA LYS A 48 -18.66 13.50 -27.13
C LYS A 48 -18.54 14.14 -25.75
N ASN A 49 -17.70 15.19 -25.70
CA ASN A 49 -17.44 15.99 -24.50
C ASN A 49 -16.96 15.14 -23.33
N GLU A 50 -16.12 14.15 -23.63
CA GLU A 50 -15.69 13.19 -22.61
C GLU A 50 -14.70 13.81 -21.63
N LEU A 51 -13.65 14.45 -22.16
CA LEU A 51 -12.54 14.91 -21.33
C LEU A 51 -12.97 16.04 -20.40
N ARG A 52 -13.96 16.83 -20.82
CA ARG A 52 -14.54 17.86 -19.97
C ARG A 52 -15.10 17.28 -18.69
N TYR A 53 -15.66 16.08 -18.75
CA TYR A 53 -16.17 15.44 -17.55
C TYR A 53 -15.20 14.41 -17.00
N SER A 54 -13.99 14.34 -17.53
CA SER A 54 -13.00 13.44 -16.97
C SER A 54 -11.85 14.18 -16.33
N LEU A 55 -11.49 15.34 -16.87
CA LEU A 55 -10.62 16.26 -16.17
C LEU A 55 -11.35 16.90 -14.99
N ARG A 56 -12.68 16.94 -15.04
CA ARG A 56 -13.49 17.40 -13.91
C ARG A 56 -13.47 16.41 -12.77
N SER A 57 -13.30 15.12 -13.07
CA SER A 57 -13.20 14.10 -12.02
C SER A 57 -11.91 14.22 -11.22
N LEU A 58 -10.87 14.79 -11.80
CA LEU A 58 -9.61 14.95 -11.08
C LEU A 58 -9.72 15.99 -9.98
N GLU A 59 -10.52 17.04 -10.19
CA GLU A 59 -10.72 18.04 -9.14
C GLU A 59 -11.49 17.45 -7.96
N LYS A 60 -12.35 16.47 -8.20
CA LYS A 60 -13.13 15.89 -7.12
C LYS A 60 -12.38 14.78 -6.40
N HIS A 61 -11.86 13.78 -7.12
CA HIS A 61 -11.40 12.58 -6.46
C HIS A 61 -9.89 12.38 -6.44
N ALA A 62 -9.09 13.23 -7.11
CA ALA A 62 -7.64 13.08 -7.00
C ALA A 62 -6.99 14.46 -7.13
N ALA A 63 -6.82 15.13 -5.99
CA ALA A 63 -6.33 16.50 -5.96
C ALA A 63 -4.84 16.59 -5.67
N TRP A 64 -4.06 15.58 -6.10
CA TRP A 64 -2.64 15.55 -5.82
C TRP A 64 -1.79 15.37 -7.08
N ILE A 65 -2.40 15.41 -8.27
CA ILE A 65 -1.66 15.07 -9.48
C ILE A 65 -0.79 16.23 -9.95
N ARG A 66 -1.09 17.44 -9.51
CA ARG A 66 -0.28 18.68 -9.53
C ARG A 66 0.16 19.19 -10.91
N HIS A 67 -0.17 18.49 -11.99
CA HIS A 67 -0.07 19.03 -13.35
C HIS A 67 -0.86 18.12 -14.29
N VAL A 68 -1.40 18.70 -15.35
CA VAL A 68 -2.08 17.93 -16.39
C VAL A 68 -1.55 18.37 -17.75
N TYR A 69 -1.10 17.40 -18.54
CA TYR A 69 -0.67 17.59 -19.92
C TYR A 69 -1.73 17.06 -20.88
N ILE A 70 -1.86 17.70 -22.02
CA ILE A 70 -2.66 17.18 -23.13
C ILE A 70 -1.79 17.20 -24.37
N VAL A 71 -1.64 16.05 -25.03
CA VAL A 71 -0.84 15.95 -26.24
C VAL A 71 -1.76 15.93 -27.45
N THR A 72 -1.68 16.98 -28.26
CA THR A 72 -2.53 17.11 -29.45
C THR A 72 -1.68 17.31 -30.69
N ASN A 73 -2.33 17.67 -31.79
CA ASN A 73 -1.67 18.04 -33.03
C ASN A 73 -1.82 19.53 -33.33
N GLY A 74 -1.75 20.36 -32.28
CA GLY A 74 -1.81 21.81 -32.40
C GLY A 74 -3.14 22.40 -32.00
N GLN A 75 -4.20 21.60 -32.07
CA GLN A 75 -5.55 22.11 -31.82
C GLN A 75 -5.86 22.08 -30.32
N ILE A 76 -6.32 23.21 -29.80
CA ILE A 76 -6.67 23.34 -28.39
C ILE A 76 -8.15 23.08 -28.20
N PRO A 77 -8.59 22.62 -27.04
CA PRO A 77 -10.02 22.65 -26.71
C PRO A 77 -10.52 24.06 -26.53
N SER A 78 -11.80 24.26 -26.82
CA SER A 78 -12.39 25.59 -26.70
C SER A 78 -12.57 26.00 -25.25
N TRP A 79 -12.73 25.03 -24.34
CA TRP A 79 -13.10 25.31 -22.97
C TRP A 79 -11.94 25.14 -21.99
N LEU A 80 -10.69 25.20 -22.45
CA LEU A 80 -9.57 25.17 -21.52
C LEU A 80 -9.24 26.58 -21.06
N ASP A 81 -9.35 26.82 -19.76
CA ASP A 81 -8.92 28.08 -19.16
C ASP A 81 -7.41 27.96 -19.02
N LEU A 82 -6.67 28.66 -19.86
CA LEU A 82 -5.22 28.60 -19.79
C LEU A 82 -4.68 29.49 -18.67
N SER A 83 -3.37 29.44 -18.50
CA SER A 83 -2.62 30.10 -17.41
C SER A 83 -3.16 29.69 -16.05
N TYR A 84 -3.56 28.42 -15.93
CA TYR A 84 -4.03 27.83 -14.68
C TYR A 84 -2.87 27.31 -13.84
N GLU A 85 -1.66 27.28 -14.40
CA GLU A 85 -0.42 26.64 -13.93
C GLU A 85 -0.64 25.24 -13.37
N ARG A 86 -1.62 24.52 -13.89
CA ARG A 86 -1.78 23.09 -13.64
C ARG A 86 -2.24 22.34 -14.88
N VAL A 87 -2.43 23.02 -16.01
CA VAL A 87 -2.86 22.38 -17.24
C VAL A 87 -2.20 23.03 -18.45
N THR A 88 -1.54 22.22 -19.28
CA THR A 88 -0.87 22.69 -20.48
C THR A 88 -1.14 21.73 -21.63
N VAL A 89 -1.02 22.27 -22.84
CA VAL A 89 -1.11 21.48 -24.07
C VAL A 89 0.25 21.52 -24.76
N VAL A 90 0.74 20.35 -25.15
CA VAL A 90 1.97 20.26 -25.93
C VAL A 90 1.69 19.50 -27.22
N PRO A 91 1.99 20.06 -28.38
CA PRO A 91 1.66 19.41 -29.65
C PRO A 91 2.72 18.40 -30.05
N HIS A 92 2.43 17.67 -31.13
CA HIS A 92 3.34 16.64 -31.65
C HIS A 92 4.56 17.21 -32.34
N GLU A 93 4.58 18.52 -32.63
CA GLU A 93 5.73 19.13 -33.29
C GLU A 93 6.97 19.11 -32.40
N VAL A 94 6.78 19.30 -31.10
CA VAL A 94 7.90 19.36 -30.17
C VAL A 94 8.29 17.98 -29.63
N LEU A 95 7.39 17.00 -29.70
CA LEU A 95 7.67 15.71 -29.09
C LEU A 95 8.43 14.77 -30.02
N ALA A 96 7.91 14.56 -31.22
CA ALA A 96 8.28 13.42 -32.05
C ALA A 96 9.67 13.59 -32.64
N PRO A 97 10.55 12.60 -32.50
CA PRO A 97 11.83 12.63 -33.22
C PRO A 97 11.59 12.35 -34.70
N ASP A 98 12.55 12.81 -35.53
CA ASP A 98 12.50 12.76 -36.99
C ASP A 98 11.23 13.41 -37.50
N PRO A 99 11.17 14.73 -37.60
CA PRO A 99 9.92 15.41 -38.01
C PRO A 99 9.51 15.15 -39.44
N ASP A 100 9.17 13.90 -39.72
CA ASP A 100 8.70 13.46 -41.01
C ASP A 100 7.49 12.54 -40.83
N GLN A 101 7.36 11.97 -39.64
CA GLN A 101 6.29 11.09 -39.23
C GLN A 101 5.09 11.81 -38.61
N LEU A 102 5.24 13.10 -38.29
CA LEU A 102 4.30 13.74 -37.38
C LEU A 102 2.87 13.95 -37.92
N PRO A 103 2.60 13.99 -39.26
CA PRO A 103 1.17 13.84 -39.64
C PRO A 103 0.62 12.45 -39.32
N THR A 104 0.31 12.21 -38.05
CA THR A 104 -0.10 10.89 -37.59
C THR A 104 -1.51 10.90 -37.06
N PHE A 105 -2.26 9.84 -37.34
CA PHE A 105 -3.67 9.72 -36.98
C PHE A 105 -3.96 8.35 -36.37
N SER A 106 -3.05 7.86 -35.56
CA SER A 106 -3.27 6.65 -34.78
C SER A 106 -2.89 6.93 -33.34
N SER A 107 -3.54 6.22 -32.42
CA SER A 107 -3.22 6.39 -31.01
C SER A 107 -1.83 5.84 -30.70
N SER A 108 -1.55 4.61 -31.14
CA SER A 108 -0.36 3.88 -30.72
C SER A 108 0.94 4.50 -31.23
N ALA A 109 0.88 5.29 -32.31
CA ALA A 109 2.06 6.04 -32.70
C ALA A 109 2.30 7.21 -31.75
N ILE A 110 1.22 7.85 -31.30
CA ILE A 110 1.34 8.98 -30.38
C ILE A 110 1.83 8.51 -29.02
N GLU A 111 1.43 7.31 -28.61
CA GLU A 111 1.89 6.68 -27.37
C GLU A 111 3.40 6.43 -27.32
N THR A 112 4.09 6.43 -28.45
CA THR A 112 5.52 6.12 -28.48
C THR A 112 6.42 7.34 -28.26
N PHE A 113 5.85 8.53 -28.03
CA PHE A 113 6.68 9.66 -27.63
C PHE A 113 6.00 10.45 -26.53
N LEU A 114 5.36 9.75 -25.59
CA LEU A 114 4.73 10.42 -24.47
C LEU A 114 5.71 10.81 -23.37
N HIS A 115 6.91 10.24 -23.39
CA HIS A 115 7.90 10.49 -22.35
C HIS A 115 8.92 11.55 -22.76
N ARG A 116 8.66 12.30 -23.81
CA ARG A 116 9.54 13.37 -24.25
C ARG A 116 8.99 14.73 -23.86
N ILE A 117 8.03 14.76 -22.94
CA ILE A 117 7.55 16.01 -22.35
C ILE A 117 8.63 16.53 -21.40
N PRO A 118 9.04 17.82 -21.52
CA PRO A 118 10.25 18.29 -20.83
C PRO A 118 10.24 18.24 -19.30
N LYS A 119 9.29 18.89 -18.66
CA LYS A 119 9.23 18.89 -17.20
C LYS A 119 8.27 17.81 -16.69
N LEU A 120 8.50 16.59 -17.16
CA LEU A 120 7.77 15.42 -16.72
C LEU A 120 8.43 14.83 -15.48
N SER A 121 7.60 14.39 -14.54
CA SER A 121 8.11 13.66 -13.38
C SER A 121 8.50 12.25 -13.78
N LYS A 122 9.14 11.55 -12.84
CA LYS A 122 9.69 10.23 -13.11
C LYS A 122 8.59 9.22 -13.45
N ARG A 123 7.51 9.22 -12.69
CA ARG A 123 6.35 8.40 -12.97
C ARG A 123 5.19 9.31 -13.35
N PHE A 124 4.26 8.79 -14.15
CA PHE A 124 3.09 9.58 -14.53
C PHE A 124 1.93 8.68 -14.89
N LEU A 125 0.71 9.18 -14.62
CA LEU A 125 -0.51 8.53 -15.06
C LEU A 125 -0.75 8.75 -16.53
N TYR A 126 -1.18 7.69 -17.23
CA TYR A 126 -1.41 7.78 -18.66
C TYR A 126 -2.77 8.35 -19.02
N LEU A 127 -3.81 8.12 -18.18
CA LEU A 127 -5.22 7.90 -18.54
C LEU A 127 -5.72 8.73 -19.73
N ASN A 128 -6.31 8.03 -20.71
CA ASN A 128 -6.20 8.53 -22.09
C ASN A 128 -7.18 9.65 -22.44
N ASP A 129 -8.46 9.35 -22.64
CA ASP A 129 -9.45 10.42 -22.69
C ASP A 129 -10.75 10.07 -21.98
N ASP A 130 -11.22 8.83 -22.14
CA ASP A 130 -12.51 8.44 -21.57
C ASP A 130 -12.35 7.74 -20.24
N ILE A 131 -11.59 8.32 -19.31
CA ILE A 131 -11.37 7.73 -18.00
C ILE A 131 -11.82 8.76 -16.98
N PHE A 132 -13.06 8.64 -16.51
CA PHE A 132 -13.49 9.40 -15.36
C PHE A 132 -13.47 8.47 -14.15
N LEU A 133 -13.33 9.07 -12.97
CA LEU A 133 -12.98 8.29 -11.79
C LEU A 133 -13.70 8.85 -10.57
N GLY A 134 -14.54 8.02 -9.95
CA GLY A 134 -15.02 8.26 -8.61
C GLY A 134 -14.17 7.53 -7.59
N ALA A 135 -14.69 7.45 -6.35
CA ALA A 135 -14.13 6.69 -5.24
C ALA A 135 -12.66 7.02 -4.97
N PRO A 136 -12.39 8.15 -4.27
CA PRO A 136 -11.13 8.92 -4.41
C PRO A 136 -9.80 8.20 -4.51
N LEU A 137 -8.94 8.72 -5.38
CA LEU A 137 -7.68 8.08 -5.73
C LEU A 137 -6.54 8.62 -4.88
N TYR A 138 -5.74 7.70 -4.36
CA TYR A 138 -4.58 7.99 -3.53
C TYR A 138 -3.33 7.47 -4.22
N PRO A 139 -2.16 8.07 -3.96
CA PRO A 139 -0.94 7.60 -4.65
C PRO A 139 -0.52 6.19 -4.27
N GLU A 140 -1.00 5.65 -3.15
CA GLU A 140 -0.71 4.27 -2.78
C GLU A 140 -1.58 3.27 -3.53
N ASP A 141 -2.55 3.75 -4.30
CA ASP A 141 -3.32 2.88 -5.18
C ASP A 141 -2.56 2.54 -6.45
N LEU A 142 -1.48 3.26 -6.74
CA LEU A 142 -0.73 3.11 -7.97
C LEU A 142 0.71 2.70 -7.72
N TYR A 143 1.45 3.44 -6.88
CA TYR A 143 2.88 3.22 -6.68
C TYR A 143 3.19 3.36 -5.21
N THR A 144 3.61 2.26 -4.57
CA THR A 144 4.17 2.29 -3.24
C THR A 144 5.69 2.23 -3.34
N GLU A 145 6.37 2.07 -2.21
CA GLU A 145 7.83 1.98 -2.23
C GLU A 145 8.33 0.55 -2.03
N ALA A 146 7.65 -0.26 -1.22
CA ALA A 146 8.01 -1.66 -1.09
C ALA A 146 7.70 -2.41 -2.37
N GLU A 147 6.43 -2.43 -2.76
CA GLU A 147 5.96 -2.74 -4.10
C GLU A 147 6.02 -1.45 -4.93
N GLY A 148 5.22 -1.34 -5.98
CA GLY A 148 5.23 -0.04 -6.62
C GLY A 148 4.78 0.11 -8.05
N VAL A 149 4.48 -0.97 -8.76
CA VAL A 149 3.68 -0.81 -9.96
C VAL A 149 2.52 -1.80 -9.82
N ARG A 150 1.32 -1.28 -9.62
CA ARG A 150 0.14 -2.14 -9.49
C ARG A 150 -0.36 -2.43 -10.89
N VAL A 151 -0.15 -3.66 -11.35
CA VAL A 151 -0.40 -4.01 -12.73
C VAL A 151 -1.78 -4.63 -12.79
N TYR A 152 -2.75 -3.88 -13.31
CA TYR A 152 -4.16 -4.26 -13.26
C TYR A 152 -4.49 -5.24 -14.39
N GLN A 153 -4.30 -6.53 -14.12
CA GLN A 153 -4.73 -7.59 -15.01
C GLN A 153 -6.25 -7.69 -15.09
N ALA A 154 -6.72 -8.35 -16.14
CA ALA A 154 -8.14 -8.59 -16.36
C ALA A 154 -8.38 -10.05 -16.68
N THR A 298 -11.24 -7.06 -32.58
CA THR A 298 -11.34 -8.26 -33.41
C THR A 298 -10.94 -7.91 -34.83
N ASP A 299 -11.36 -6.73 -35.29
CA ASP A 299 -11.02 -6.29 -36.64
C ASP A 299 -9.57 -5.84 -36.72
N ILE A 300 -9.18 -4.86 -35.91
CA ILE A 300 -7.85 -4.28 -36.00
C ILE A 300 -7.11 -4.45 -34.68
N TYR A 301 -7.85 -4.50 -33.58
CA TYR A 301 -7.23 -4.53 -32.26
C TYR A 301 -6.65 -5.91 -31.93
N SER A 302 -7.25 -6.97 -32.43
CA SER A 302 -6.81 -8.31 -32.09
C SER A 302 -5.48 -8.66 -32.75
N HIS A 303 -5.25 -8.17 -33.97
CA HIS A 303 -4.00 -8.48 -34.67
C HIS A 303 -2.80 -7.85 -33.97
N SER A 304 -2.94 -6.62 -33.49
CA SER A 304 -1.86 -5.99 -32.73
C SER A 304 -1.64 -6.69 -31.40
N LEU A 305 -2.71 -7.23 -30.79
CA LEU A 305 -2.60 -8.05 -29.60
C LEU A 305 -1.77 -9.30 -29.86
N ILE A 306 -2.05 -10.01 -30.95
CA ILE A 306 -1.31 -11.23 -31.27
C ILE A 306 0.13 -10.91 -31.63
N ALA A 307 0.36 -9.80 -32.35
CA ALA A 307 1.72 -9.43 -32.73
C ALA A 307 2.56 -9.02 -31.53
N THR A 308 1.99 -8.23 -30.61
CA THR A 308 2.71 -7.82 -29.41
C THR A 308 2.96 -9.01 -28.48
N ASN A 309 1.98 -9.91 -28.36
CA ASN A 309 2.16 -11.11 -27.55
C ASN A 309 3.23 -12.02 -28.13
N MET A 310 3.27 -12.17 -29.46
CA MET A 310 4.31 -12.99 -30.07
C MET A 310 5.69 -12.34 -29.95
N LEU A 311 5.76 -11.02 -30.08
CA LEU A 311 7.03 -10.31 -29.92
C LEU A 311 7.58 -10.45 -28.50
N LEU A 312 6.71 -10.31 -27.50
CA LEU A 312 7.13 -10.56 -26.13
C LEU A 312 7.28 -12.04 -25.82
N ASN A 313 6.80 -12.92 -26.71
CA ASN A 313 6.99 -14.35 -26.58
C ASN A 313 8.27 -14.84 -27.24
N ARG A 314 8.89 -14.03 -28.10
CA ARG A 314 10.18 -14.40 -28.67
C ARG A 314 11.27 -14.39 -27.60
N ALA A 315 11.42 -13.27 -26.91
CA ALA A 315 12.27 -13.21 -25.74
C ALA A 315 11.41 -13.48 -24.50
N TYR A 316 11.99 -13.27 -23.32
CA TYR A 316 11.29 -13.14 -22.03
C TYR A 316 10.53 -14.39 -21.62
N GLY A 317 10.81 -15.55 -22.22
CA GLY A 317 10.04 -16.72 -21.91
C GLY A 317 8.73 -16.81 -22.66
N PHE A 318 7.69 -17.32 -21.99
CA PHE A 318 6.49 -17.76 -22.68
C PHE A 318 5.17 -17.37 -22.02
N LYS A 319 5.14 -17.09 -20.72
CA LYS A 319 4.17 -17.74 -19.83
C LYS A 319 2.66 -17.67 -20.13
N ALA A 320 1.95 -16.55 -19.92
CA ALA A 320 0.51 -16.53 -20.14
C ALA A 320 -0.06 -15.16 -20.46
N ARG A 321 0.79 -14.14 -20.60
CA ARG A 321 0.61 -12.78 -20.12
C ARG A 321 -0.79 -12.18 -20.31
N HIS A 322 -1.35 -11.68 -19.21
CA HIS A 322 -2.71 -11.16 -19.20
C HIS A 322 -2.77 -9.74 -19.75
N VAL A 323 -3.90 -9.41 -20.36
CA VAL A 323 -4.14 -8.07 -20.86
C VAL A 323 -4.50 -7.17 -19.69
N LEU A 324 -4.47 -5.86 -19.91
CA LEU A 324 -4.73 -4.91 -18.84
C LEU A 324 -6.23 -4.60 -18.76
N ALA A 325 -6.60 -3.65 -17.90
CA ALA A 325 -8.00 -3.48 -17.55
C ALA A 325 -8.43 -2.01 -17.52
N HIS A 326 -8.01 -1.22 -18.50
CA HIS A 326 -8.60 0.09 -18.84
C HIS A 326 -8.45 1.12 -17.72
N VAL A 327 -7.50 0.91 -16.81
CA VAL A 327 -7.25 1.86 -15.75
C VAL A 327 -6.36 2.97 -16.27
N GLY A 328 -6.18 4.02 -15.49
CA GLY A 328 -5.11 4.94 -15.76
C GLY A 328 -3.78 4.28 -15.43
N PHE A 329 -2.98 4.02 -16.46
CA PHE A 329 -1.73 3.32 -16.27
C PHE A 329 -0.66 4.27 -15.75
N LEU A 330 0.15 3.79 -14.80
CA LEU A 330 1.27 4.56 -14.31
C LEU A 330 2.54 4.06 -14.98
N ILE A 331 3.30 4.99 -15.55
CA ILE A 331 4.38 4.70 -16.48
C ILE A 331 5.63 5.43 -16.02
N ASP A 332 6.74 4.71 -15.93
CA ASP A 332 8.03 5.29 -15.57
C ASP A 332 8.80 5.66 -16.82
N LYS A 333 9.47 6.83 -16.78
CA LYS A 333 10.21 7.32 -17.93
C LYS A 333 11.43 6.47 -18.24
N ASP A 334 12.13 6.01 -17.21
CA ASP A 334 13.36 5.27 -17.42
C ASP A 334 13.08 3.85 -17.92
N ILE A 335 12.04 3.23 -17.38
CA ILE A 335 11.65 1.89 -17.81
C ILE A 335 11.14 1.90 -19.24
N VAL A 336 10.46 2.97 -19.65
CA VAL A 336 9.98 2.98 -21.03
C VAL A 336 11.11 3.34 -22.00
N GLU A 337 12.12 4.08 -21.55
CA GLU A 337 13.29 4.31 -22.39
C GLU A 337 14.08 3.03 -22.58
N ALA A 338 14.22 2.22 -21.53
CA ALA A 338 14.82 0.90 -21.68
C ALA A 338 13.92 -0.05 -22.47
N MET A 339 12.61 0.19 -22.50
CA MET A 339 11.73 -0.59 -23.38
C MET A 339 11.96 -0.25 -24.84
N GLN A 340 12.08 1.04 -25.15
CA GLN A 340 12.25 1.46 -26.53
C GLN A 340 13.66 1.20 -27.04
N ARG A 341 14.65 1.07 -26.15
CA ARG A 341 15.96 0.62 -26.58
C ARG A 341 16.07 -0.89 -26.69
N ARG A 342 15.03 -1.63 -26.32
CA ARG A 342 15.00 -3.08 -26.50
C ARG A 342 14.29 -3.47 -27.79
N PHE A 343 13.31 -2.69 -28.23
CA PHE A 343 12.49 -3.01 -29.38
C PHE A 343 12.59 -1.89 -30.41
N HIS A 344 13.81 -1.47 -30.75
CA HIS A 344 14.02 -0.34 -31.65
C HIS A 344 13.49 -0.59 -33.06
N GLN A 345 13.31 -1.86 -33.45
CA GLN A 345 12.71 -2.15 -34.74
C GLN A 345 11.23 -1.78 -34.75
N GLN A 346 10.49 -2.21 -33.73
CA GLN A 346 9.04 -2.04 -33.72
C GLN A 346 8.61 -0.64 -33.29
N ILE A 347 9.43 0.06 -32.51
CA ILE A 347 9.09 1.43 -32.12
C ILE A 347 9.15 2.35 -33.33
N LEU A 348 10.21 2.26 -34.13
CA LEU A 348 10.31 3.05 -35.35
C LEU A 348 9.28 2.59 -36.38
N ASP A 349 8.96 1.30 -36.40
CA ASP A 349 7.95 0.77 -37.32
C ASP A 349 6.58 1.36 -37.02
N THR A 350 6.14 1.30 -35.76
CA THR A 350 4.83 1.84 -35.41
C THR A 350 4.84 3.36 -35.37
N ALA A 351 6.01 3.96 -35.21
CA ALA A 351 6.10 5.41 -35.26
C ALA A 351 5.93 5.94 -36.68
N HIS A 352 6.52 5.27 -37.67
CA HIS A 352 6.50 5.74 -39.05
C HIS A 352 5.24 5.34 -39.80
N GLN A 353 4.16 5.05 -39.10
CA GLN A 353 2.89 4.65 -39.68
C GLN A 353 1.85 5.74 -39.55
N ARG A 354 0.93 5.76 -40.51
CA ARG A 354 -0.09 6.81 -40.57
C ARG A 354 -1.32 6.46 -39.73
N PHE A 355 -1.86 5.27 -39.89
CA PHE A 355 -3.12 4.86 -39.29
C PHE A 355 -2.89 3.65 -38.38
N ARG A 356 -3.99 3.09 -37.89
CA ARG A 356 -3.95 1.86 -37.10
C ARG A 356 -3.88 0.67 -38.04
N ALA A 357 -2.68 0.12 -38.21
CA ALA A 357 -2.45 -1.02 -39.08
C ALA A 357 -2.18 -2.28 -38.24
N PRO A 358 -2.46 -3.48 -38.76
CA PRO A 358 -2.41 -4.67 -37.90
C PRO A 358 -1.02 -5.19 -37.54
N THR A 359 0.05 -4.45 -37.79
CA THR A 359 1.40 -4.82 -37.35
C THR A 359 1.87 -3.91 -36.23
N ASP A 360 0.96 -3.49 -35.36
CA ASP A 360 1.27 -2.49 -34.35
C ASP A 360 1.80 -3.13 -33.06
N LEU A 361 2.42 -2.28 -32.25
CA LEU A 361 2.90 -2.61 -30.92
C LEU A 361 2.15 -1.73 -29.93
N GLN A 362 1.23 -2.31 -29.17
CA GLN A 362 0.45 -1.50 -28.24
C GLN A 362 1.26 -1.22 -26.99
N TYR A 363 1.22 0.04 -26.56
CA TYR A 363 2.21 0.59 -25.65
C TYR A 363 2.03 0.09 -24.23
N ALA A 364 0.77 -0.02 -23.78
CA ALA A 364 0.51 -0.38 -22.39
C ALA A 364 0.84 -1.84 -22.12
N PHE A 365 0.48 -2.74 -23.03
CA PHE A 365 0.73 -4.16 -22.81
C PHE A 365 2.21 -4.49 -23.00
N ALA A 366 2.85 -3.89 -24.00
CA ALA A 366 4.28 -4.07 -24.17
C ALA A 366 5.11 -3.30 -23.15
N TYR A 367 4.50 -2.43 -22.36
CA TYR A 367 5.17 -1.88 -21.19
C TYR A 367 5.01 -2.80 -19.99
N TYR A 368 3.79 -3.17 -19.66
CA TYR A 368 3.52 -3.96 -18.47
C TYR A 368 3.77 -5.44 -18.67
N SER A 369 4.34 -5.85 -19.79
CA SER A 369 4.96 -7.16 -19.87
C SER A 369 6.46 -7.09 -19.97
N PHE A 370 7.01 -5.95 -20.41
CA PHE A 370 8.44 -5.70 -20.36
C PHE A 370 8.89 -5.56 -18.92
N LEU A 371 8.13 -4.80 -18.12
CA LEU A 371 8.51 -4.53 -16.74
C LEU A 371 8.40 -5.76 -15.86
N MET A 372 7.46 -6.66 -16.16
CA MET A 372 7.25 -7.88 -15.41
C MET A 372 8.30 -8.96 -15.68
N SER A 373 9.16 -8.78 -16.68
CA SER A 373 10.07 -9.86 -17.06
C SER A 373 11.51 -9.45 -17.31
N GLU A 374 11.92 -8.23 -16.98
CA GLU A 374 13.34 -7.89 -16.92
C GLU A 374 14.01 -8.54 -15.73
N THR A 375 14.92 -9.46 -16.01
CA THR A 375 15.72 -10.13 -15.00
C THR A 375 17.10 -9.49 -14.97
N LYS A 376 17.50 -9.02 -13.80
CA LYS A 376 18.81 -8.45 -13.58
C LYS A 376 19.83 -9.56 -13.38
N VAL A 377 21.10 -9.20 -13.52
CA VAL A 377 22.21 -10.12 -13.25
C VAL A 377 23.14 -9.44 -12.26
N MET A 378 23.40 -10.11 -11.14
CA MET A 378 24.31 -9.60 -10.12
C MET A 378 25.62 -10.36 -10.17
N SER A 379 26.73 -9.63 -10.22
CA SER A 379 28.04 -10.24 -10.30
C SER A 379 28.46 -10.80 -8.94
N VAL A 380 29.45 -11.68 -8.98
CA VAL A 380 29.92 -12.37 -7.78
C VAL A 380 30.60 -11.40 -6.82
N GLU A 381 31.21 -10.34 -7.36
CA GLU A 381 31.77 -9.29 -6.51
C GLU A 381 30.70 -8.49 -5.79
N GLU A 382 29.45 -8.50 -6.28
CA GLU A 382 28.36 -7.83 -5.60
C GLU A 382 27.67 -8.71 -4.56
N ILE A 383 27.78 -10.03 -4.70
CA ILE A 383 27.29 -10.94 -3.66
C ILE A 383 28.31 -11.09 -2.54
N PHE A 384 29.54 -10.63 -2.75
CA PHE A 384 30.46 -10.47 -1.64
C PHE A 384 30.30 -9.11 -0.98
N ASP A 385 29.92 -8.07 -1.74
CA ASP A 385 29.77 -6.75 -1.14
C ASP A 385 28.54 -6.69 -0.24
N GLU A 386 27.44 -7.28 -0.66
CA GLU A 386 26.36 -7.60 0.26
C GLU A 386 26.61 -9.02 0.76
N PHE A 387 25.70 -9.55 1.58
CA PHE A 387 25.62 -10.94 2.04
C PHE A 387 26.71 -11.26 3.07
N ASP A 388 27.71 -10.39 3.23
CA ASP A 388 28.33 -10.24 4.54
C ASP A 388 27.80 -8.95 5.12
N THR A 389 27.62 -8.92 6.43
CA THR A 389 27.03 -7.79 7.10
C THR A 389 28.08 -6.84 7.64
N ASP A 390 29.30 -6.99 7.17
CA ASP A 390 30.51 -6.60 7.88
C ASP A 390 30.99 -5.27 7.30
N GLY A 391 32.16 -4.81 7.75
CA GLY A 391 32.75 -3.57 7.24
C GLY A 391 33.36 -3.69 5.86
N SER A 392 34.41 -4.49 5.71
CA SER A 392 35.14 -4.54 4.44
C SER A 392 35.88 -5.85 4.31
N ALA A 393 35.48 -6.66 3.32
CA ALA A 393 36.27 -7.79 2.79
C ALA A 393 36.51 -8.90 3.80
N THR A 394 35.67 -9.01 4.83
CA THR A 394 35.75 -10.09 5.79
C THR A 394 34.61 -11.07 5.53
N TRP A 395 34.94 -12.36 5.49
CA TRP A 395 33.95 -13.42 5.34
C TRP A 395 34.26 -14.45 6.43
N SER A 396 33.71 -14.22 7.62
CA SER A 396 34.02 -15.05 8.78
C SER A 396 32.94 -16.11 8.96
N ASP A 397 33.01 -16.86 10.06
CA ASP A 397 32.22 -18.09 10.20
C ASP A 397 30.73 -17.81 10.39
N ARG A 398 30.39 -16.64 10.94
CA ARG A 398 28.99 -16.25 11.02
C ARG A 398 28.41 -16.04 9.63
N GLU A 399 29.15 -15.35 8.76
CA GLU A 399 28.73 -15.22 7.37
C GLU A 399 28.75 -16.55 6.64
N VAL A 400 29.68 -17.45 7.00
CA VAL A 400 29.71 -18.78 6.40
C VAL A 400 28.44 -19.56 6.75
N ARG A 401 28.00 -19.48 8.00
CA ARG A 401 26.80 -20.21 8.37
C ARG A 401 25.55 -19.60 7.77
N THR A 402 25.52 -18.27 7.67
CA THR A 402 24.44 -17.60 6.94
C THR A 402 24.43 -18.01 5.47
N PHE A 403 25.61 -18.19 4.87
CA PHE A 403 25.74 -18.62 3.49
C PHE A 403 25.26 -20.04 3.31
N LEU A 404 25.61 -20.93 4.24
CA LEU A 404 25.24 -22.33 4.11
C LEU A 404 23.76 -22.58 4.38
N THR A 405 23.12 -21.75 5.22
CA THR A 405 21.69 -21.96 5.48
C THR A 405 20.83 -21.60 4.28
N ARG A 406 21.29 -20.71 3.40
CA ARG A 406 20.51 -20.32 2.24
C ARG A 406 20.70 -21.25 1.05
N ILE A 407 21.41 -22.36 1.22
CA ILE A 407 21.61 -23.31 0.13
C ILE A 407 21.05 -24.67 0.51
N TYR A 408 21.63 -25.29 1.52
CA TYR A 408 21.22 -26.62 1.98
C TYR A 408 20.12 -26.41 3.01
N GLN A 409 18.88 -26.49 2.57
CA GLN A 409 17.79 -25.98 3.40
C GLN A 409 17.31 -26.80 4.61
N PRO A 410 17.00 -28.11 4.53
CA PRO A 410 15.90 -28.66 5.36
C PRO A 410 16.23 -28.67 6.86
N PRO A 411 17.19 -29.50 7.36
CA PRO A 411 18.20 -28.98 8.29
C PRO A 411 19.44 -28.40 7.63
N LEU A 412 20.38 -27.98 8.47
CA LEU A 412 21.78 -27.77 8.11
C LEU A 412 22.61 -28.89 8.75
N ASP A 413 23.63 -29.35 8.04
CA ASP A 413 24.33 -30.57 8.40
C ASP A 413 25.84 -30.31 8.49
N TRP A 414 26.54 -31.22 9.18
CA TRP A 414 28.00 -31.30 9.18
C TRP A 414 28.60 -31.63 7.82
N SER A 415 27.86 -32.32 6.95
CA SER A 415 28.36 -32.65 5.63
C SER A 415 28.60 -31.39 4.80
N ALA A 416 27.72 -30.39 4.92
CA ALA A 416 27.91 -29.13 4.22
C ALA A 416 29.09 -28.36 4.78
N MET A 417 29.33 -28.46 6.09
CA MET A 417 30.48 -27.80 6.70
C MET A 417 31.80 -28.37 6.19
N ARG A 418 31.94 -29.70 6.18
CA ARG A 418 33.18 -30.24 5.65
C ARG A 418 33.27 -30.14 4.13
N TYR A 419 32.14 -30.08 3.43
CA TYR A 419 32.18 -29.79 2.00
C TYR A 419 32.73 -28.40 1.73
N PHE A 420 32.25 -27.40 2.48
CA PHE A 420 32.72 -26.04 2.28
C PHE A 420 34.19 -25.89 2.65
N GLU A 421 34.62 -26.51 3.75
CA GLU A 421 36.03 -26.37 4.11
C GLU A 421 36.92 -27.17 3.16
N GLU A 422 36.40 -28.24 2.55
CA GLU A 422 37.15 -28.95 1.51
C GLU A 422 37.30 -28.10 0.26
N VAL A 423 36.26 -27.35 -0.10
CA VAL A 423 36.34 -26.44 -1.25
C VAL A 423 37.35 -25.33 -0.99
N VAL A 424 37.33 -24.73 0.19
CA VAL A 424 38.30 -23.66 0.49
C VAL A 424 39.71 -24.22 0.60
N GLN A 425 39.88 -25.42 1.15
CA GLN A 425 41.21 -25.99 1.29
C GLN A 425 41.78 -26.44 -0.06
N ASN A 426 40.93 -26.80 -1.02
CA ASN A 426 41.46 -27.15 -2.33
C ASN A 426 41.92 -25.94 -3.12
N CYS A 427 41.55 -24.73 -2.73
CA CYS A 427 42.09 -23.54 -3.37
C CYS A 427 43.55 -23.36 -2.95
N THR A 428 44.45 -23.86 -3.79
CA THR A 428 45.88 -23.80 -3.55
C THR A 428 46.49 -22.55 -4.17
N LEU A 455 39.61 -22.85 8.48
CA LEU A 455 39.24 -21.95 7.39
C LEU A 455 40.17 -20.74 7.35
N PRO A 456 41.04 -20.69 6.34
CA PRO A 456 42.12 -19.68 6.31
C PRO A 456 41.77 -18.40 5.57
N THR A 457 40.93 -17.58 6.21
CA THR A 457 40.66 -16.18 5.85
C THR A 457 40.10 -16.08 4.41
N ILE A 458 38.86 -16.55 4.29
CA ILE A 458 38.14 -16.44 3.03
C ILE A 458 37.94 -14.97 2.68
N THR A 459 38.46 -14.57 1.53
CA THR A 459 38.44 -13.18 1.09
C THR A 459 37.61 -13.04 -0.17
N ARG A 460 37.56 -11.82 -0.71
CA ARG A 460 36.83 -11.58 -1.94
C ARG A 460 37.55 -12.19 -3.14
N ASP A 461 38.88 -12.03 -3.20
CA ASP A 461 39.66 -12.51 -4.33
C ASP A 461 39.63 -14.02 -4.43
N LEU A 462 39.54 -14.71 -3.30
CA LEU A 462 39.46 -16.17 -3.33
C LEU A 462 38.13 -16.64 -3.92
N VAL A 463 37.01 -16.05 -3.49
CA VAL A 463 35.70 -16.51 -3.97
C VAL A 463 35.37 -15.96 -5.34
N VAL A 464 36.12 -14.97 -5.84
CA VAL A 464 35.99 -14.61 -7.25
C VAL A 464 36.85 -15.56 -8.08
N ARG A 465 38.05 -15.85 -7.58
CA ARG A 465 39.01 -16.66 -8.33
C ARG A 465 38.59 -18.13 -8.40
N CYS A 466 38.17 -18.70 -7.28
CA CYS A 466 38.03 -20.15 -7.19
C CYS A 466 36.77 -20.62 -7.91
N PRO A 467 36.87 -21.55 -8.85
CA PRO A 467 35.67 -22.12 -9.48
C PRO A 467 34.98 -23.09 -8.53
N LEU A 468 33.84 -23.60 -8.98
CA LEU A 468 32.95 -24.59 -8.33
C LEU A 468 32.42 -24.13 -6.96
N LEU A 469 32.70 -22.90 -6.57
CA LEU A 469 32.05 -22.22 -5.46
C LEU A 469 31.38 -20.94 -5.92
N ALA A 470 32.08 -20.12 -6.70
CA ALA A 470 31.47 -18.95 -7.34
C ALA A 470 30.40 -19.35 -8.33
N GLU A 471 30.61 -20.46 -9.04
CA GLU A 471 29.54 -21.03 -9.85
C GLU A 471 28.39 -21.52 -8.98
N ALA A 472 28.71 -22.14 -7.85
CA ALA A 472 27.68 -22.60 -6.92
C ALA A 472 27.06 -21.45 -6.13
N LEU A 473 27.73 -20.30 -6.04
CA LEU A 473 27.16 -19.14 -5.37
C LEU A 473 26.25 -18.36 -6.32
N ALA A 474 26.70 -18.10 -7.54
CA ALA A 474 25.92 -17.35 -8.51
C ALA A 474 24.77 -18.14 -9.09
N ALA A 475 24.77 -19.47 -8.96
CA ALA A 475 23.63 -20.26 -9.40
C ALA A 475 22.41 -20.07 -8.52
N ASN A 476 22.58 -19.53 -7.32
CA ASN A 476 21.47 -19.28 -6.42
C ASN A 476 21.00 -17.83 -6.46
N PHE A 477 21.91 -16.86 -6.58
CA PHE A 477 21.55 -15.45 -6.45
C PHE A 477 22.05 -14.69 -7.68
N ALA A 478 21.36 -14.83 -8.80
CA ALA A 478 21.63 -13.99 -9.95
C ALA A 478 20.41 -13.68 -10.78
N VAL A 479 19.23 -14.16 -10.42
CA VAL A 479 18.09 -14.17 -11.33
C VAL A 479 17.04 -13.25 -10.70
N ARG A 480 17.51 -12.23 -10.01
CA ARG A 480 16.59 -11.33 -9.36
C ARG A 480 15.97 -10.36 -10.37
N PRO A 481 14.68 -10.05 -10.25
CA PRO A 481 14.03 -9.16 -11.22
C PRO A 481 14.50 -7.72 -11.09
N LYS A 482 14.38 -6.98 -12.19
CA LYS A 482 15.01 -5.68 -12.29
C LYS A 482 14.16 -4.56 -11.68
N TYR A 483 12.87 -4.54 -11.97
CA TYR A 483 11.98 -3.48 -11.53
C TYR A 483 10.94 -4.01 -10.57
N ASN A 484 10.59 -3.19 -9.58
CA ASN A 484 9.58 -3.54 -8.60
C ASN A 484 8.20 -3.53 -9.24
N PHE A 485 7.49 -4.63 -9.12
CA PHE A 485 6.14 -4.77 -9.65
C PHE A 485 5.26 -5.48 -8.63
N HIS A 486 3.97 -5.46 -8.91
CA HIS A 486 2.98 -5.85 -7.91
C HIS A 486 1.69 -6.19 -8.65
N VAL A 487 1.31 -7.46 -8.67
CA VAL A 487 0.03 -7.80 -9.29
C VAL A 487 -1.09 -7.41 -8.32
N SER A 488 -2.16 -6.87 -8.87
CA SER A 488 -3.22 -6.40 -8.00
C SER A 488 -4.09 -7.57 -7.55
N PRO A 489 -4.53 -7.58 -6.29
CA PRO A 489 -5.31 -8.71 -5.78
C PRO A 489 -6.79 -8.73 -6.17
N LYS A 490 -7.17 -7.93 -7.17
CA LYS A 490 -8.53 -7.69 -7.68
C LYS A 490 -9.56 -7.56 -6.55
N ARG A 491 -9.38 -6.54 -5.71
CA ARG A 491 -10.28 -6.27 -4.61
C ARG A 491 -10.92 -4.89 -4.67
N THR A 492 -10.14 -3.83 -4.88
CA THR A 492 -10.70 -2.47 -4.77
C THR A 492 -11.16 -1.91 -6.11
N SER A 493 -10.24 -1.75 -7.06
CA SER A 493 -10.53 -1.05 -8.31
C SER A 493 -10.91 -2.08 -9.36
N HIS A 494 -12.16 -2.51 -9.34
CA HIS A 494 -12.60 -3.50 -10.31
C HIS A 494 -12.87 -2.93 -11.69
N SER A 495 -12.97 -1.60 -11.81
CA SER A 495 -12.84 -0.87 -13.09
C SER A 495 -13.91 -1.27 -14.11
N ASN A 496 -15.14 -0.81 -13.83
CA ASN A 496 -16.29 -0.95 -14.73
C ASN A 496 -16.00 -0.53 -16.16
N PHE A 497 -16.00 -1.47 -17.10
CA PHE A 497 -15.70 -1.14 -18.50
C PHE A 497 -16.97 -0.72 -19.24
N MET A 498 -17.86 -1.69 -19.51
CA MET A 498 -19.29 -1.46 -19.80
C MET A 498 -19.51 -0.58 -21.04
N MET A 499 -19.21 -1.21 -22.19
CA MET A 499 -19.29 -0.64 -23.54
C MET A 499 -20.67 -0.04 -23.84
N LEU A 500 -20.70 0.88 -24.81
CA LEU A 500 -21.78 1.85 -25.03
C LEU A 500 -22.47 1.58 -26.38
N THR A 501 -22.91 0.34 -26.61
CA THR A 501 -23.61 0.02 -27.85
C THR A 501 -24.95 0.75 -27.96
N SER A 502 -25.58 0.65 -29.13
CA SER A 502 -26.71 1.52 -29.47
C SER A 502 -28.07 0.91 -29.14
N ASN A 503 -28.12 -0.11 -28.30
CA ASN A 503 -29.39 -0.67 -27.84
C ASN A 503 -29.76 0.02 -26.53
N LEU A 504 -30.80 0.88 -26.58
CA LEU A 504 -31.12 1.81 -25.49
C LEU A 504 -31.46 1.11 -24.19
N THR A 505 -32.00 -0.11 -24.26
CA THR A 505 -32.16 -0.93 -23.06
C THR A 505 -30.82 -1.22 -22.42
N GLU A 506 -29.87 -1.75 -23.20
CA GLU A 506 -28.55 -2.07 -22.67
C GLU A 506 -27.81 -0.81 -22.24
N VAL A 507 -28.13 0.34 -22.85
CA VAL A 507 -27.64 1.62 -22.35
C VAL A 507 -28.18 1.92 -20.96
N VAL A 508 -29.48 1.68 -20.71
CA VAL A 508 -29.98 2.14 -19.41
C VAL A 508 -29.58 1.18 -18.28
N GLU A 509 -29.53 -0.15 -18.52
CA GLU A 509 -28.92 -0.95 -17.45
C GLU A 509 -27.40 -0.79 -17.37
N SER A 510 -26.71 -0.40 -18.44
CA SER A 510 -25.28 -0.11 -18.32
C SER A 510 -25.04 1.14 -17.48
N LEU A 511 -25.79 2.20 -17.74
CA LEU A 511 -25.58 3.44 -16.98
C LEU A 511 -26.13 3.34 -15.57
N ASP A 512 -27.12 2.49 -15.31
CA ASP A 512 -27.53 2.27 -13.93
C ASP A 512 -26.55 1.36 -13.20
N ARG A 513 -25.89 0.46 -13.91
CA ARG A 513 -24.96 -0.46 -13.28
C ARG A 513 -23.61 0.21 -13.04
N LEU A 514 -23.30 1.27 -13.78
CA LEU A 514 -22.26 2.21 -13.35
C LEU A 514 -22.64 2.98 -12.09
N ARG A 515 -23.91 3.07 -11.75
CA ARG A 515 -24.35 3.84 -10.58
C ARG A 515 -24.49 2.97 -9.33
N ARG A 516 -24.80 1.69 -9.50
CA ARG A 516 -24.86 0.80 -8.36
C ARG A 516 -23.50 0.57 -7.74
N ASN A 517 -22.44 0.60 -8.54
CA ASN A 517 -21.08 0.34 -8.07
C ASN A 517 -20.18 1.52 -8.39
N PRO A 518 -19.93 2.41 -7.44
CA PRO A 518 -19.05 3.56 -7.68
C PRO A 518 -17.57 3.22 -7.40
N ARG A 519 -16.94 2.57 -8.36
CA ARG A 519 -15.59 2.05 -8.16
C ARG A 519 -14.56 3.11 -8.51
N LYS A 520 -13.29 2.71 -8.58
CA LYS A 520 -12.20 3.68 -8.65
C LYS A 520 -11.99 4.23 -10.05
N PHE A 521 -11.95 3.37 -11.06
CA PHE A 521 -11.82 3.79 -12.45
C PHE A 521 -13.04 3.37 -13.24
N ASN A 522 -13.49 4.22 -14.16
CA ASN A 522 -14.57 3.88 -15.08
C ASN A 522 -14.18 4.36 -16.46
N CYS A 523 -14.61 3.62 -17.49
CA CYS A 523 -14.10 3.83 -18.84
C CYS A 523 -15.20 3.59 -19.86
N ILE A 524 -15.86 4.66 -20.33
CA ILE A 524 -16.93 4.53 -21.30
C ILE A 524 -16.38 4.81 -22.69
N ASN A 525 -16.15 3.76 -23.46
CA ASN A 525 -15.78 3.92 -24.86
C ASN A 525 -16.99 3.72 -25.77
N ASP A 526 -16.91 4.32 -26.96
CA ASP A 526 -18.12 4.56 -27.73
C ASP A 526 -18.71 3.31 -28.37
N ASN A 527 -18.00 2.74 -29.34
CA ASN A 527 -18.48 1.64 -30.20
C ASN A 527 -19.89 1.95 -30.73
N LEU A 528 -20.02 3.12 -31.33
CA LEU A 528 -21.32 3.64 -31.71
C LEU A 528 -21.60 3.39 -33.19
N ASP A 529 -22.86 3.09 -33.48
CA ASP A 529 -23.33 2.98 -34.86
C ASP A 529 -23.37 4.36 -35.50
N ALA A 530 -23.19 4.39 -36.83
CA ALA A 530 -23.28 5.62 -37.59
C ALA A 530 -24.46 5.65 -38.54
N ASN A 531 -25.11 4.52 -38.81
CA ASN A 531 -26.30 4.52 -39.64
C ASN A 531 -27.50 5.11 -38.91
N ARG A 532 -27.67 4.77 -37.62
CA ARG A 532 -28.80 5.24 -36.84
C ARG A 532 -28.49 6.63 -36.31
N GLY A 533 -28.81 7.65 -37.11
CA GLY A 533 -28.65 9.01 -36.66
C GLY A 533 -29.75 9.51 -35.74
N GLU A 534 -30.80 8.73 -35.54
CA GLU A 534 -31.91 9.11 -34.70
C GLU A 534 -31.82 8.56 -33.28
N ASP A 535 -31.36 7.32 -33.13
CA ASP A 535 -31.14 6.75 -31.80
C ASP A 535 -29.88 7.28 -31.15
N ASN A 536 -28.84 7.55 -31.95
CA ASN A 536 -27.57 8.05 -31.44
C ASN A 536 -27.56 9.56 -31.25
N GLU A 537 -28.73 10.19 -31.18
CA GLU A 537 -28.88 11.51 -30.62
C GLU A 537 -29.46 11.42 -29.21
N MET A 538 -30.43 10.53 -29.04
CA MET A 538 -30.97 10.22 -27.71
C MET A 538 -29.94 9.55 -26.84
N VAL A 539 -29.03 8.77 -27.43
CA VAL A 539 -27.94 8.16 -26.66
C VAL A 539 -27.00 9.23 -26.09
N ARG A 540 -26.60 10.19 -26.92
CA ARG A 540 -25.71 11.25 -26.45
C ARG A 540 -26.41 12.21 -25.49
N HIS A 541 -27.72 12.38 -25.61
CA HIS A 541 -28.44 13.13 -24.58
C HIS A 541 -28.62 12.34 -23.30
N LEU A 542 -28.73 11.01 -23.39
CA LEU A 542 -28.90 10.19 -22.20
C LEU A 542 -27.60 10.09 -21.41
N LEU A 543 -26.47 10.03 -22.11
CA LEU A 543 -25.17 10.00 -21.45
C LEU A 543 -24.88 11.32 -20.74
N GLU A 544 -25.40 12.42 -21.27
CA GLU A 544 -25.23 13.70 -20.62
C GLU A 544 -25.99 13.77 -19.30
N ASP A 545 -27.10 13.04 -19.19
CA ASP A 545 -27.78 12.91 -17.91
C ASP A 545 -26.92 12.16 -16.90
N PHE A 546 -26.14 11.18 -17.36
CA PHE A 546 -25.25 10.43 -16.47
C PHE A 546 -24.09 11.28 -15.98
N TYR A 547 -23.41 11.97 -16.90
CA TYR A 547 -22.19 12.68 -16.52
C TYR A 547 -22.47 13.94 -15.73
N LEU A 548 -23.66 14.52 -15.86
CA LEU A 548 -24.04 15.61 -14.96
C LEU A 548 -24.62 15.10 -13.65
N SER A 549 -24.96 13.81 -13.55
CA SER A 549 -25.48 13.26 -12.31
C SER A 549 -24.43 13.13 -11.23
N PHE A 550 -23.16 13.13 -11.60
CA PHE A 550 -22.05 13.00 -10.67
C PHE A 550 -21.18 14.22 -10.60
N PHE A 551 -20.95 14.90 -11.73
CA PHE A 551 -19.95 15.96 -11.84
C PHE A 551 -20.59 17.22 -12.40
N PRO A 552 -21.42 17.93 -11.63
CA PRO A 552 -22.10 19.11 -12.19
C PRO A 552 -21.40 20.43 -11.99
N ARG A 553 -20.41 20.53 -11.10
CA ARG A 553 -19.75 21.79 -10.84
C ARG A 553 -18.74 22.11 -11.94
N ARG A 554 -18.69 23.37 -12.35
CA ARG A 554 -17.70 23.80 -13.32
C ARG A 554 -16.34 23.83 -12.64
N SER A 555 -15.45 22.92 -13.04
CA SER A 555 -14.14 22.83 -12.45
C SER A 555 -13.27 24.01 -12.89
N LYS A 556 -12.15 24.20 -12.19
CA LYS A 556 -11.28 25.34 -12.44
C LYS A 556 -10.48 25.21 -13.73
N PHE A 557 -10.49 24.05 -14.37
CA PHE A 557 -9.86 23.91 -15.68
C PHE A 557 -10.65 24.60 -16.77
N GLU A 558 -11.93 24.88 -16.55
CA GLU A 558 -12.83 25.33 -17.60
C GLU A 558 -13.13 26.81 -17.46
N LEU A 559 -12.95 27.56 -18.55
CA LEU A 559 -13.27 28.97 -18.55
C LEU A 559 -14.78 29.19 -18.48
N PRO A 560 -15.24 30.28 -17.88
CA PRO A 560 -16.68 30.51 -17.74
C PRO A 560 -17.32 30.84 -19.08
N PRO A 561 -18.43 30.17 -19.42
CA PRO A 561 -19.18 30.48 -20.64
C PRO A 561 -20.01 31.75 -20.50
N ALA B 11 9.25 10.04 3.39
CA ALA B 11 8.90 10.48 4.73
C ALA B 11 7.70 11.42 4.71
N CYS B 12 6.53 10.86 4.39
CA CYS B 12 5.30 11.65 4.37
C CYS B 12 4.88 12.05 5.78
N THR B 13 4.88 11.09 6.70
CA THR B 13 4.40 11.33 8.06
C THR B 13 5.44 10.86 9.06
N ALA B 14 5.43 11.49 10.23
CA ALA B 14 6.25 11.08 11.36
C ALA B 14 5.72 9.79 11.96
N ILE B 15 6.61 9.05 12.63
CA ILE B 15 6.17 7.81 13.27
C ILE B 15 6.53 7.80 14.75
N ASP B 16 7.81 7.96 15.10
CA ASP B 16 8.29 8.07 16.50
C ASP B 16 7.95 6.83 17.34
N ALA B 17 8.66 5.74 17.04
CA ALA B 17 8.51 4.48 17.77
C ALA B 17 8.90 4.61 19.25
N VAL B 18 8.43 3.66 20.06
CA VAL B 18 8.65 3.65 21.50
C VAL B 18 9.22 2.31 21.92
N TYR B 19 9.83 2.28 23.10
CA TYR B 19 10.48 1.10 23.66
C TYR B 19 10.27 1.11 25.17
N THR B 20 10.51 -0.03 25.83
CA THR B 20 10.30 -0.11 27.27
C THR B 20 11.58 -0.34 28.08
N TRP B 21 12.26 -1.48 27.91
CA TRP B 21 13.52 -1.82 28.58
C TRP B 21 13.43 -1.76 30.11
N VAL B 22 12.76 -2.74 30.70
CA VAL B 22 12.91 -2.94 32.14
C VAL B 22 14.23 -3.66 32.40
N ASN B 23 14.93 -3.25 33.47
CA ASN B 23 16.22 -3.83 33.84
C ASN B 23 16.11 -4.46 35.21
N GLY B 24 16.29 -5.77 35.28
CA GLY B 24 16.14 -6.49 36.53
C GLY B 24 17.44 -6.97 37.12
N SER B 25 18.48 -6.13 37.08
CA SER B 25 19.79 -6.50 37.58
C SER B 25 20.34 -5.55 38.64
N ASP B 26 19.97 -4.28 38.61
CA ASP B 26 20.44 -3.32 39.59
C ASP B 26 19.77 -3.56 40.94
N PRO B 27 20.43 -3.19 42.05
CA PRO B 27 19.80 -3.37 43.37
C PRO B 27 18.55 -2.56 43.60
N ASN B 28 18.42 -1.37 42.97
CA ASN B 28 17.29 -0.49 43.27
C ASN B 28 15.99 -0.96 42.62
N PHE B 29 16.04 -1.95 41.74
CA PHE B 29 14.84 -2.58 41.22
C PHE B 29 14.45 -3.80 42.03
N ILE B 30 15.45 -4.61 42.40
CA ILE B 30 15.16 -5.82 43.18
C ILE B 30 14.81 -5.49 44.62
N GLU B 31 15.20 -4.30 45.11
CA GLU B 31 14.71 -3.84 46.41
C GLU B 31 13.22 -3.58 46.39
N ASP B 32 12.73 -2.94 45.31
CA ASP B 32 11.30 -2.68 45.21
C ASP B 32 10.51 -3.93 44.88
N ILE B 33 11.13 -4.88 44.17
CA ILE B 33 10.49 -6.19 43.98
C ILE B 33 10.39 -6.92 45.32
N ARG B 34 11.45 -6.88 46.13
CA ARG B 34 11.42 -7.46 47.47
C ARG B 34 10.46 -6.76 48.41
N ARG B 35 10.14 -5.48 48.15
CA ARG B 35 9.16 -4.77 48.96
C ARG B 35 7.74 -5.30 48.75
N PHE B 36 7.46 -5.93 47.61
CA PHE B 36 6.10 -6.29 47.28
C PHE B 36 5.92 -7.80 47.14
N LYS B 48 19.41 -9.31 28.51
CA LYS B 48 20.08 -10.19 27.57
C LYS B 48 20.58 -9.38 26.38
N ASN B 49 20.76 -8.08 26.63
CA ASN B 49 21.27 -7.12 25.65
C ASN B 49 20.43 -7.07 24.38
N GLU B 50 19.12 -7.20 24.54
CA GLU B 50 18.23 -7.31 23.38
C GLU B 50 18.08 -5.98 22.65
N LEU B 51 17.77 -4.91 23.39
CA LEU B 51 17.40 -3.64 22.77
C LEU B 51 18.59 -3.00 22.08
N ARG B 52 19.81 -3.27 22.56
CA ARG B 52 21.03 -2.84 21.90
C ARG B 52 21.13 -3.35 20.48
N TYR B 53 20.64 -4.57 20.23
CA TYR B 53 20.64 -5.10 18.88
C TYR B 53 19.28 -4.97 18.21
N SER B 54 18.35 -4.26 18.82
CA SER B 54 17.07 -4.02 18.19
C SER B 54 16.86 -2.57 17.82
N LEU B 55 17.40 -1.65 18.63
CA LEU B 55 17.53 -0.27 18.21
C LEU B 55 18.60 -0.12 17.14
N ARG B 56 19.53 -1.06 17.07
CA ARG B 56 20.53 -1.09 16.01
C ARG B 56 19.91 -1.51 14.68
N SER B 57 18.84 -2.30 14.71
CA SER B 57 18.14 -2.69 13.49
C SER B 57 17.41 -1.52 12.85
N LEU B 58 17.04 -0.50 13.63
CA LEU B 58 16.35 0.66 13.07
C LEU B 58 17.29 1.50 12.21
N GLU B 59 18.57 1.58 12.58
CA GLU B 59 19.51 2.31 11.74
C GLU B 59 19.73 1.63 10.40
N LYS B 60 19.61 0.30 10.35
CA LYS B 60 19.82 -0.42 9.11
C LYS B 60 18.57 -0.45 8.23
N HIS B 61 17.44 -0.90 8.77
CA HIS B 61 16.30 -1.22 7.92
C HIS B 61 15.13 -0.26 7.99
N ALA B 62 15.14 0.73 8.89
CA ALA B 62 14.03 1.70 8.89
C ALA B 62 14.56 3.05 9.36
N ALA B 63 15.03 3.86 8.41
CA ALA B 63 15.68 5.12 8.72
C ALA B 63 14.73 6.31 8.59
N TRP B 64 13.45 6.11 8.87
CA TRP B 64 12.46 7.16 8.71
C TRP B 64 11.63 7.40 9.97
N ILE B 65 11.97 6.74 11.09
CA ILE B 65 11.11 6.78 12.26
C ILE B 65 11.29 8.08 13.04
N ARG B 66 12.42 8.77 12.85
CA ARG B 66 12.75 10.15 13.20
C ARG B 66 12.69 10.52 14.68
N HIS B 67 12.31 9.59 15.56
CA HIS B 67 12.51 9.73 17.00
C HIS B 67 12.30 8.38 17.66
N VAL B 68 13.00 8.15 18.77
CA VAL B 68 12.82 6.92 19.55
C VAL B 68 12.64 7.30 21.02
N TYR B 69 11.56 6.83 21.62
CA TYR B 69 11.28 6.97 23.04
C TYR B 69 11.53 5.65 23.77
N ILE B 70 11.98 5.75 25.02
CA ILE B 70 12.06 4.60 25.90
C ILE B 70 11.36 4.97 27.20
N VAL B 71 10.37 4.18 27.60
CA VAL B 71 9.63 4.44 28.84
C VAL B 71 10.15 3.50 29.93
N THR B 72 10.77 4.08 30.95
CA THR B 72 11.33 3.32 32.04
C THR B 72 10.78 3.78 33.38
N ASN B 73 11.39 3.33 34.46
CA ASN B 73 11.08 3.80 35.80
C ASN B 73 12.22 4.60 36.41
N GLY B 74 12.87 5.43 35.57
CA GLY B 74 13.93 6.32 35.98
C GLY B 74 15.31 5.83 35.60
N GLN B 75 15.49 4.53 35.40
CA GLN B 75 16.79 3.95 35.14
C GLN B 75 17.12 4.03 33.65
N ILE B 76 18.30 4.56 33.34
CA ILE B 76 18.76 4.68 31.95
C ILE B 76 19.62 3.48 31.59
N PRO B 77 19.70 3.11 30.31
CA PRO B 77 20.73 2.17 29.88
C PRO B 77 22.11 2.79 29.96
N SER B 78 23.11 1.93 30.16
CA SER B 78 24.48 2.41 30.27
C SER B 78 25.03 2.87 28.94
N TRP B 79 24.53 2.30 27.83
CA TRP B 79 25.11 2.52 26.52
C TRP B 79 24.28 3.44 25.64
N LEU B 80 23.42 4.28 26.20
CA LEU B 80 22.72 5.26 25.40
C LEU B 80 23.55 6.53 25.28
N ASP B 81 23.90 6.88 24.05
CA ASP B 81 24.56 8.16 23.77
C ASP B 81 23.44 9.19 23.75
N LEU B 82 23.37 10.01 24.78
CA LEU B 82 22.33 11.03 24.83
C LEU B 82 22.71 12.23 23.98
N SER B 83 21.77 13.19 23.92
CA SER B 83 21.84 14.38 23.07
C SER B 83 22.05 14.02 21.61
N TYR B 84 21.41 12.92 21.20
CA TYR B 84 21.44 12.45 19.82
C TYR B 84 20.33 13.11 18.99
N GLU B 85 19.43 13.84 19.64
CA GLU B 85 18.15 14.41 19.15
C GLU B 85 17.35 13.44 18.28
N ARG B 86 17.46 12.14 18.55
CA ARG B 86 16.58 11.14 18.00
C ARG B 86 16.24 10.05 19.01
N VAL B 87 16.74 10.13 20.23
CA VAL B 87 16.48 9.13 21.25
C VAL B 87 16.36 9.80 22.62
N THR B 88 15.26 9.54 23.32
CA THR B 88 15.03 10.09 24.65
C THR B 88 14.42 9.02 25.54
N VAL B 89 14.60 9.21 26.85
CA VAL B 89 13.99 8.37 27.86
C VAL B 89 13.03 9.21 28.68
N VAL B 90 11.81 8.71 28.85
CA VAL B 90 10.82 9.38 29.69
C VAL B 90 10.34 8.38 30.77
N PRO B 91 10.44 8.74 32.04
CA PRO B 91 10.09 7.80 33.11
C PRO B 91 8.59 7.81 33.38
N HIS B 92 8.16 6.89 34.25
CA HIS B 92 6.76 6.75 34.62
C HIS B 92 6.26 7.87 35.52
N GLU B 93 7.15 8.68 36.09
CA GLU B 93 6.74 9.77 36.97
C GLU B 93 5.95 10.83 36.19
N VAL B 94 6.34 11.10 34.95
CA VAL B 94 5.69 12.14 34.17
C VAL B 94 4.48 11.62 33.38
N LEU B 95 4.39 10.30 33.16
CA LEU B 95 3.32 9.78 32.32
C LEU B 95 2.04 9.50 33.10
N ALA B 96 2.14 8.75 34.18
CA ALA B 96 1.00 8.08 34.79
C ALA B 96 0.10 9.08 35.51
N PRO B 97 -1.21 9.07 35.24
CA PRO B 97 -2.13 9.86 36.07
C PRO B 97 -2.30 9.21 37.43
N ASP B 98 -2.71 10.03 38.42
CA ASP B 98 -2.85 9.64 39.83
C ASP B 98 -1.55 9.04 40.35
N PRO B 99 -0.57 9.86 40.72
CA PRO B 99 0.74 9.33 41.14
C PRO B 99 0.71 8.56 42.45
N ASP B 100 0.02 7.43 42.42
CA ASP B 100 -0.09 6.52 43.54
C ASP B 100 0.09 5.09 43.06
N GLN B 101 -0.12 4.86 41.77
CA GLN B 101 0.03 3.59 41.09
C GLN B 101 1.43 3.35 40.54
N LEU B 102 2.28 4.36 40.51
CA LEU B 102 3.48 4.31 39.67
C LEU B 102 4.57 3.32 40.12
N PRO B 103 4.66 2.86 41.40
CA PRO B 103 5.49 1.65 41.60
C PRO B 103 4.91 0.40 40.95
N THR B 104 5.06 0.28 39.64
CA THR B 104 4.43 -0.78 38.88
C THR B 104 5.48 -1.68 38.23
N PHE B 105 5.19 -2.98 38.22
CA PHE B 105 6.13 -3.99 37.71
C PHE B 105 5.40 -4.98 36.81
N SER B 106 4.48 -4.48 35.99
CA SER B 106 3.85 -5.28 34.96
C SER B 106 3.91 -4.51 33.66
N SER B 107 3.94 -5.25 32.55
CA SER B 107 3.96 -4.62 31.24
C SER B 107 2.64 -3.93 30.95
N SER B 108 1.53 -4.63 31.14
CA SER B 108 0.22 -4.16 30.68
C SER B 108 -0.27 -2.94 31.42
N ALA B 109 0.22 -2.68 32.64
CA ALA B 109 -0.08 -1.41 33.29
C ALA B 109 0.69 -0.27 32.64
N ILE B 110 1.93 -0.52 32.22
CA ILE B 110 2.75 0.50 31.58
C ILE B 110 2.20 0.83 30.21
N GLU B 111 1.64 -0.17 29.52
CA GLU B 111 0.98 0.01 28.22
C GLU B 111 -0.23 0.94 28.26
N THR B 112 -0.81 1.20 29.42
CA THR B 112 -2.02 2.01 29.51
C THR B 112 -1.74 3.50 29.63
N PHE B 113 -0.48 3.93 29.62
CA PHE B 113 -0.20 5.37 29.53
C PHE B 113 0.93 5.64 28.57
N LEU B 114 0.97 4.92 27.46
CA LEU B 114 2.00 5.14 26.45
C LEU B 114 1.69 6.33 25.55
N HIS B 115 0.45 6.81 25.55
CA HIS B 115 0.04 7.91 24.68
C HIS B 115 0.05 9.25 25.39
N ARG B 116 0.68 9.34 26.56
CA ARG B 116 0.81 10.60 27.29
C ARG B 116 2.20 11.19 27.14
N ILE B 117 2.96 10.72 26.17
CA ILE B 117 4.24 11.32 25.82
C ILE B 117 3.97 12.64 25.11
N PRO B 118 4.59 13.76 25.52
CA PRO B 118 4.15 15.09 25.06
C PRO B 118 4.28 15.36 23.57
N LYS B 119 5.46 15.24 22.99
CA LYS B 119 5.63 15.51 21.56
C LYS B 119 5.56 14.22 20.76
N LEU B 120 4.48 13.48 20.98
CA LEU B 120 4.20 12.26 20.23
C LEU B 120 3.43 12.61 18.96
N SER B 121 3.76 11.92 17.88
CA SER B 121 3.01 12.05 16.65
C SER B 121 1.68 11.31 16.77
N LYS B 122 0.83 11.50 15.76
CA LYS B 122 -0.52 10.96 15.80
C LYS B 122 -0.53 9.44 15.81
N ARG B 123 0.29 8.83 14.97
CA ARG B 123 0.47 7.38 14.97
C ARG B 123 1.88 7.07 15.42
N PHE B 124 2.08 5.89 16.02
CA PHE B 124 3.42 5.50 16.45
C PHE B 124 3.55 3.99 16.51
N LEU B 125 4.77 3.51 16.23
CA LEU B 125 5.11 2.10 16.41
C LEU B 125 5.29 1.76 17.87
N TYR B 126 4.76 0.61 18.28
CA TYR B 126 4.86 0.21 19.68
C TYR B 126 6.18 -0.48 20.03
N LEU B 127 6.79 -1.19 19.08
CA LEU B 127 7.58 -2.42 19.25
C LEU B 127 8.40 -2.50 20.54
N ASN B 128 8.22 -3.58 21.29
CA ASN B 128 8.38 -3.46 22.74
C ASN B 128 9.83 -3.50 23.24
N ASP B 129 10.49 -4.66 23.24
CA ASP B 129 11.93 -4.68 23.43
C ASP B 129 12.64 -5.70 22.55
N ASP B 130 12.06 -6.88 22.40
CA ASP B 130 12.72 -7.95 21.65
C ASP B 130 12.23 -8.01 20.21
N ILE B 131 12.20 -6.90 19.51
CA ILE B 131 11.75 -6.86 18.12
C ILE B 131 12.89 -6.28 17.30
N PHE B 132 13.70 -7.15 16.71
CA PHE B 132 14.65 -6.71 15.71
C PHE B 132 14.09 -7.05 14.34
N LEU B 133 14.53 -6.31 13.34
CA LEU B 133 13.83 -6.33 12.06
C LEU B 133 14.84 -6.22 10.92
N GLY B 134 14.88 -7.25 10.06
CA GLY B 134 15.51 -7.15 8.77
C GLY B 134 14.49 -6.81 7.70
N ALA B 135 14.91 -6.97 6.44
CA ALA B 135 14.07 -6.84 5.24
C ALA B 135 13.33 -5.51 5.17
N PRO B 136 14.01 -4.41 4.75
CA PRO B 136 13.69 -3.03 5.18
C PRO B 136 12.25 -2.57 5.24
N LEU B 137 11.93 -1.78 6.27
CA LEU B 137 10.58 -1.38 6.59
C LEU B 137 10.26 -0.03 5.98
N TYR B 138 9.10 0.05 5.35
CA TYR B 138 8.59 1.25 4.71
C TYR B 138 7.29 1.66 5.40
N PRO B 139 6.93 2.94 5.37
CA PRO B 139 5.69 3.37 6.04
C PRO B 139 4.43 2.81 5.42
N GLU B 140 4.47 2.36 4.18
CA GLU B 140 3.32 1.73 3.54
C GLU B 140 3.13 0.28 3.99
N ASP B 141 4.07 -0.26 4.75
CA ASP B 141 3.89 -1.58 5.35
C ASP B 141 3.00 -1.53 6.58
N LEU B 142 2.76 -0.33 7.12
CA LEU B 142 2.01 -0.15 8.35
C LEU B 142 0.75 0.66 8.14
N TYR B 143 0.85 1.85 7.55
CA TYR B 143 -0.28 2.78 7.44
C TYR B 143 -0.26 3.41 6.07
N THR B 144 -1.27 3.11 5.26
CA THR B 144 -1.51 3.82 4.01
C THR B 144 -2.62 4.85 4.24
N GLU B 145 -3.11 5.47 3.16
CA GLU B 145 -4.17 6.44 3.29
C GLU B 145 -5.52 5.91 2.84
N ALA B 146 -5.55 5.05 1.82
CA ALA B 146 -6.81 4.40 1.43
C ALA B 146 -7.26 3.42 2.49
N GLU B 147 -6.42 2.42 2.75
CA GLU B 147 -6.44 1.59 3.96
C GLU B 147 -5.64 2.31 5.03
N GLY B 148 -5.09 1.59 6.00
CA GLY B 148 -4.23 2.32 6.91
C GLY B 148 -3.95 1.80 8.30
N VAL B 149 -4.57 0.72 8.74
CA VAL B 149 -4.02 -0.02 9.86
C VAL B 149 -3.93 -1.46 9.41
N ARG B 150 -2.70 -1.94 9.20
CA ARG B 150 -2.50 -3.33 8.79
C ARG B 150 -2.49 -4.18 10.05
N VAL B 151 -3.56 -4.94 10.25
CA VAL B 151 -3.77 -5.64 11.52
C VAL B 151 -3.26 -7.06 11.30
N TYR B 152 -2.10 -7.37 11.89
CA TYR B 152 -1.40 -8.63 11.63
C TYR B 152 -1.98 -9.75 12.49
N GLN B 153 -3.01 -10.41 11.97
CA GLN B 153 -3.56 -11.61 12.58
C GLN B 153 -2.59 -12.78 12.49
N ALA B 154 -2.84 -13.78 13.33
CA ALA B 154 -2.06 -15.00 13.37
C ALA B 154 -2.96 -16.22 13.35
N THR B 298 -0.31 -19.63 29.21
CA THR B 298 -1.17 -20.67 29.75
C THR B 298 -1.34 -20.45 31.24
N ASP B 299 -0.24 -20.08 31.90
CA ASP B 299 -0.27 -19.81 33.33
C ASP B 299 -0.96 -18.50 33.65
N ILE B 300 -0.45 -17.40 33.09
CA ILE B 300 -0.96 -16.07 33.43
C ILE B 300 -1.47 -15.37 32.17
N TYR B 301 -0.89 -15.71 31.02
CA TYR B 301 -1.23 -15.00 29.79
C TYR B 301 -2.58 -15.42 29.23
N SER B 302 -2.97 -16.68 29.44
CA SER B 302 -4.22 -17.18 28.86
C SER B 302 -5.44 -16.59 29.55
N HIS B 303 -5.36 -16.36 30.86
CA HIS B 303 -6.51 -15.81 31.59
C HIS B 303 -6.82 -14.38 31.16
N SER B 304 -5.80 -13.56 30.93
CA SER B 304 -6.02 -12.22 30.42
C SER B 304 -6.55 -12.25 28.99
N LEU B 305 -6.14 -13.24 28.20
CA LEU B 305 -6.70 -13.45 26.87
C LEU B 305 -8.20 -13.73 26.93
N ILE B 306 -8.61 -14.64 27.82
CA ILE B 306 -10.02 -14.99 27.94
C ILE B 306 -10.83 -13.81 28.50
N ALA B 307 -10.26 -13.07 29.45
CA ALA B 307 -10.96 -11.92 30.02
C ALA B 307 -11.13 -10.80 29.00
N THR B 308 -10.08 -10.48 28.23
CA THR B 308 -10.18 -9.45 27.21
C THR B 308 -11.12 -9.86 26.09
N ASN B 309 -11.09 -11.14 25.69
CA ASN B 309 -11.99 -11.63 24.66
C ASN B 309 -13.44 -11.59 25.13
N MET B 310 -13.70 -11.94 26.39
CA MET B 310 -15.06 -11.85 26.91
C MET B 310 -15.53 -10.42 27.06
N LEU B 311 -14.63 -9.51 27.47
CA LEU B 311 -14.99 -8.10 27.57
C LEU B 311 -15.35 -7.50 26.22
N LEU B 312 -14.56 -7.81 25.19
CA LEU B 312 -14.90 -7.39 23.84
C LEU B 312 -16.04 -8.20 23.24
N ASN B 313 -16.41 -9.31 23.87
CA ASN B 313 -17.56 -10.11 23.47
C ASN B 313 -18.86 -9.65 24.13
N ARG B 314 -18.79 -8.85 25.19
CA ARG B 314 -20.00 -8.29 25.78
C ARG B 314 -20.64 -7.27 24.84
N ALA B 315 -19.88 -6.27 24.42
CA ALA B 315 -20.31 -5.38 23.37
C ALA B 315 -19.80 -5.91 22.03
N TYR B 316 -19.93 -5.10 20.97
CA TYR B 316 -19.24 -5.25 19.69
C TYR B 316 -19.57 -6.55 18.95
N GLY B 317 -20.65 -7.23 19.33
CA GLY B 317 -20.95 -8.50 18.70
C GLY B 317 -20.17 -9.65 19.29
N PHE B 318 -19.76 -10.60 18.44
CA PHE B 318 -19.30 -11.90 18.91
C PHE B 318 -18.05 -12.45 18.22
N LYS B 319 -17.71 -12.02 17.01
CA LYS B 319 -17.43 -12.96 15.92
C LYS B 319 -16.37 -14.05 16.11
N ALA B 320 -15.06 -13.78 16.07
CA ALA B 320 -14.07 -14.85 16.15
C ALA B 320 -12.73 -14.42 16.70
N ARG B 321 -12.58 -13.16 17.13
CA ARG B 321 -11.44 -12.28 16.93
C ARG B 321 -10.07 -12.94 17.11
N HIS B 322 -9.22 -12.79 16.10
CA HIS B 322 -7.90 -13.42 16.08
C HIS B 322 -6.90 -12.63 16.90
N VAL B 323 -5.93 -13.34 17.48
CA VAL B 323 -4.84 -12.74 18.23
C VAL B 323 -3.84 -12.14 17.25
N LEU B 324 -2.95 -11.30 17.74
CA LEU B 324 -1.98 -10.64 16.88
C LEU B 324 -0.73 -11.50 16.73
N ALA B 325 0.29 -10.94 16.06
CA ALA B 325 1.42 -11.77 15.62
C ALA B 325 2.77 -11.10 15.86
N HIS B 326 2.95 -10.48 17.03
CA HIS B 326 4.27 -10.09 17.58
C HIS B 326 5.01 -9.08 16.71
N VAL B 327 4.30 -8.34 15.88
CA VAL B 327 4.90 -7.30 15.07
C VAL B 327 5.03 -6.05 15.89
N GLY B 328 5.74 -5.05 15.37
CA GLY B 328 5.63 -3.72 15.92
C GLY B 328 4.28 -3.14 15.59
N PHE B 329 3.44 -2.95 16.60
CA PHE B 329 2.09 -2.48 16.38
C PHE B 329 2.09 -0.97 16.17
N LEU B 330 1.28 -0.52 15.22
CA LEU B 330 1.09 0.91 15.00
C LEU B 330 -0.20 1.35 15.67
N ILE B 331 -0.11 2.39 16.48
CA ILE B 331 -1.15 2.77 17.43
C ILE B 331 -1.45 4.25 17.24
N ASP B 332 -2.72 4.60 17.11
CA ASP B 332 -3.16 5.99 16.99
C ASP B 332 -3.53 6.52 18.36
N LYS B 333 -3.16 7.78 18.63
CA LYS B 333 -3.42 8.39 19.92
C LYS B 333 -4.90 8.65 20.15
N ASP B 334 -5.62 9.07 19.12
CA ASP B 334 -7.02 9.41 19.28
C ASP B 334 -7.89 8.17 19.44
N ILE B 335 -7.57 7.11 18.69
CA ILE B 335 -8.30 5.86 18.78
C ILE B 335 -8.07 5.20 20.13
N VAL B 336 -6.88 5.33 20.70
CA VAL B 336 -6.67 4.71 21.99
C VAL B 336 -7.27 5.55 23.12
N GLU B 337 -7.40 6.87 22.93
CA GLU B 337 -8.11 7.68 23.90
C GLU B 337 -9.61 7.35 23.89
N ALA B 338 -10.18 7.14 22.70
CA ALA B 338 -11.55 6.67 22.63
C ALA B 338 -11.69 5.22 23.11
N MET B 339 -10.62 4.43 23.08
CA MET B 339 -10.65 3.11 23.69
C MET B 339 -10.70 3.19 25.20
N GLN B 340 -9.88 4.05 25.79
CA GLN B 340 -9.84 4.17 27.23
C GLN B 340 -11.04 4.90 27.80
N ARG B 341 -11.73 5.71 26.99
CA ARG B 341 -12.99 6.27 27.44
C ARG B 341 -14.16 5.32 27.24
N ARG B 342 -13.95 4.16 26.64
CA ARG B 342 -14.98 3.14 26.50
C ARG B 342 -14.90 2.10 27.60
N PHE B 343 -13.69 1.82 28.10
CA PHE B 343 -13.47 0.78 29.09
C PHE B 343 -12.83 1.37 30.34
N HIS B 344 -13.40 2.46 30.86
CA HIS B 344 -12.82 3.16 31.99
C HIS B 344 -12.76 2.32 33.27
N GLN B 345 -13.59 1.27 33.36
CA GLN B 345 -13.49 0.38 34.50
C GLN B 345 -12.21 -0.45 34.45
N GLN B 346 -11.91 -1.04 33.30
CA GLN B 346 -10.79 -1.96 33.21
C GLN B 346 -9.45 -1.26 33.04
N ILE B 347 -9.44 -0.05 32.50
CA ILE B 347 -8.19 0.70 32.38
C ILE B 347 -7.67 1.09 33.76
N LEU B 348 -8.56 1.63 34.62
CA LEU B 348 -8.15 1.97 35.98
C LEU B 348 -7.87 0.71 36.80
N ASP B 349 -8.58 -0.38 36.50
CA ASP B 349 -8.35 -1.65 37.19
C ASP B 349 -6.95 -2.18 36.90
N THR B 350 -6.59 -2.27 35.63
CA THR B 350 -5.26 -2.78 35.29
C THR B 350 -4.17 -1.76 35.57
N ALA B 351 -4.52 -0.48 35.65
CA ALA B 351 -3.56 0.53 36.02
C ALA B 351 -3.19 0.46 37.49
N HIS B 352 -4.17 0.24 38.37
CA HIS B 352 -3.94 0.24 39.81
C HIS B 352 -3.42 -1.09 40.33
N GLN B 353 -2.82 -1.91 39.49
CA GLN B 353 -2.29 -3.21 39.86
C GLN B 353 -0.77 -3.21 39.88
N ARG B 354 -0.21 -4.06 40.73
CA ARG B 354 1.23 -4.11 40.91
C ARG B 354 1.91 -5.04 39.91
N PHE B 355 1.41 -6.26 39.78
CA PHE B 355 2.04 -7.31 38.98
C PHE B 355 1.10 -7.75 37.85
N ARG B 356 1.49 -8.82 37.17
CA ARG B 356 0.66 -9.44 36.15
C ARG B 356 -0.33 -10.37 36.82
N ALA B 357 -1.57 -9.91 36.97
CA ALA B 357 -2.64 -10.68 37.60
C ALA B 357 -3.65 -11.14 36.55
N PRO B 358 -4.36 -12.25 36.76
CA PRO B 358 -5.18 -12.83 35.69
C PRO B 358 -6.46 -12.09 35.34
N THR B 359 -6.69 -10.88 35.84
CA THR B 359 -7.85 -10.07 35.46
C THR B 359 -7.42 -8.89 34.60
N ASP B 360 -6.41 -9.08 33.77
CA ASP B 360 -5.82 -7.99 33.02
C ASP B 360 -6.52 -7.76 31.68
N LEU B 361 -6.26 -6.58 31.12
CA LEU B 361 -6.71 -6.17 29.80
C LEU B 361 -5.47 -5.92 28.97
N GLN B 362 -5.19 -6.80 28.01
CA GLN B 362 -3.97 -6.64 27.22
C GLN B 362 -4.22 -5.59 26.12
N TYR B 363 -3.24 -4.71 25.96
CA TYR B 363 -3.45 -3.43 25.29
C TYR B 363 -3.54 -3.60 23.79
N ALA B 364 -2.72 -4.47 23.21
CA ALA B 364 -2.68 -4.62 21.75
C ALA B 364 -3.93 -5.29 21.21
N PHE B 365 -4.41 -6.33 21.88
CA PHE B 365 -5.58 -7.05 21.39
C PHE B 365 -6.85 -6.25 21.63
N ALA B 366 -6.96 -5.60 22.79
CA ALA B 366 -8.09 -4.72 23.06
C ALA B 366 -8.01 -3.41 22.29
N TYR B 367 -6.89 -3.11 21.65
CA TYR B 367 -6.86 -2.01 20.70
C TYR B 367 -7.30 -2.47 19.32
N TYR B 368 -6.68 -3.54 18.81
CA TYR B 368 -6.95 -4.00 17.46
C TYR B 368 -8.21 -4.85 17.37
N SER B 369 -9.00 -4.94 18.42
CA SER B 369 -10.37 -5.38 18.27
C SER B 369 -11.38 -4.27 18.52
N PHE B 370 -10.98 -3.23 19.24
CA PHE B 370 -11.77 -2.02 19.37
C PHE B 370 -11.85 -1.29 18.04
N LEU B 371 -10.71 -1.17 17.35
CA LEU B 371 -10.65 -0.43 16.10
C LEU B 371 -11.38 -1.14 14.97
N MET B 372 -11.41 -2.47 15.00
CA MET B 372 -12.07 -3.27 13.98
C MET B 372 -13.58 -3.29 14.11
N SER B 373 -14.15 -2.76 15.20
CA SER B 373 -15.59 -2.90 15.42
C SER B 373 -16.31 -1.64 15.89
N GLU B 374 -15.68 -0.48 15.87
CA GLU B 374 -16.41 0.78 16.01
C GLU B 374 -17.22 1.08 14.76
N THR B 375 -18.54 1.07 14.93
CA THR B 375 -19.49 1.42 13.88
C THR B 375 -19.98 2.83 14.11
N LYS B 376 -19.80 3.67 13.11
CA LYS B 376 -20.27 5.05 13.13
C LYS B 376 -21.76 5.09 12.79
N VAL B 377 -22.40 6.20 13.12
CA VAL B 377 -23.79 6.45 12.76
C VAL B 377 -23.85 7.77 12.02
N MET B 378 -24.41 7.76 10.81
CA MET B 378 -24.57 8.96 10.01
C MET B 378 -26.04 9.38 10.03
N SER B 379 -26.27 10.65 10.32
CA SER B 379 -27.63 11.17 10.39
C SER B 379 -28.19 11.39 8.99
N VAL B 380 -29.52 11.52 8.92
CA VAL B 380 -30.22 11.65 7.65
C VAL B 380 -29.90 12.98 6.99
N GLU B 381 -29.61 14.01 7.79
CA GLU B 381 -29.18 15.28 7.24
C GLU B 381 -27.79 15.19 6.61
N GLU B 382 -26.98 14.19 6.98
CA GLU B 382 -25.68 13.99 6.35
C GLU B 382 -25.75 13.14 5.10
N ILE B 383 -26.78 12.30 4.96
CA ILE B 383 -27.00 11.57 3.71
C ILE B 383 -27.71 12.43 2.69
N PHE B 384 -28.25 13.58 3.10
CA PHE B 384 -28.67 14.59 2.14
C PHE B 384 -27.52 15.51 1.77
N ASP B 385 -26.58 15.77 2.68
CA ASP B 385 -25.47 16.66 2.37
C ASP B 385 -24.50 16.01 1.39
N GLU B 386 -24.21 14.73 1.58
CA GLU B 386 -23.60 13.95 0.51
C GLU B 386 -24.75 13.29 -0.25
N PHE B 387 -24.42 12.45 -1.24
CA PHE B 387 -25.32 11.57 -1.98
C PHE B 387 -26.21 12.36 -2.95
N ASP B 388 -26.26 13.68 -2.84
CA ASP B 388 -26.46 14.50 -4.02
C ASP B 388 -25.11 15.11 -4.37
N THR B 389 -24.86 15.27 -5.66
CA THR B 389 -23.57 15.73 -6.10
C THR B 389 -23.57 17.23 -6.34
N ASP B 390 -24.56 17.91 -5.82
CA ASP B 390 -25.04 19.19 -6.32
C ASP B 390 -24.47 20.30 -5.43
N GLY B 391 -24.92 21.54 -5.64
CA GLY B 391 -24.48 22.67 -4.85
C GLY B 391 -25.11 22.75 -3.47
N SER B 392 -26.42 22.93 -3.41
CA SER B 392 -27.07 23.16 -2.11
C SER B 392 -28.54 22.80 -2.20
N ALA B 393 -28.94 21.77 -1.43
CA ALA B 393 -30.33 21.47 -1.08
C ALA B 393 -31.21 21.12 -2.29
N THR B 394 -30.61 20.66 -3.38
CA THR B 394 -31.36 20.21 -4.55
C THR B 394 -31.30 18.68 -4.60
N TRP B 395 -32.45 18.06 -4.81
CA TRP B 395 -32.55 16.61 -4.97
C TRP B 395 -33.41 16.38 -6.22
N SER B 396 -32.76 16.38 -7.38
CA SER B 396 -33.45 16.30 -8.66
C SER B 396 -33.45 14.85 -9.15
N ASP B 397 -33.94 14.65 -10.38
CA ASP B 397 -34.27 13.30 -10.84
C ASP B 397 -33.02 12.46 -11.11
N ARG B 398 -31.89 13.09 -11.42
CA ARG B 398 -30.63 12.37 -11.54
C ARG B 398 -30.22 11.79 -10.20
N GLU B 399 -30.31 12.60 -9.14
CA GLU B 399 -30.06 12.09 -7.80
C GLU B 399 -31.10 11.07 -7.36
N VAL B 400 -32.35 11.22 -7.82
CA VAL B 400 -33.37 10.23 -7.51
C VAL B 400 -33.02 8.88 -8.13
N ARG B 401 -32.55 8.88 -9.38
CA ARG B 401 -32.23 7.60 -10.01
C ARG B 401 -30.97 6.99 -9.40
N THR B 402 -30.00 7.83 -9.02
CA THR B 402 -28.85 7.34 -8.27
C THR B 402 -29.27 6.75 -6.93
N PHE B 403 -30.26 7.36 -6.27
CA PHE B 403 -30.79 6.87 -5.01
C PHE B 403 -31.50 5.55 -5.17
N LEU B 404 -32.29 5.40 -6.24
CA LEU B 404 -33.05 4.18 -6.43
C LEU B 404 -32.18 3.02 -6.89
N THR B 405 -31.08 3.27 -7.59
CA THR B 405 -30.22 2.17 -8.01
C THR B 405 -29.47 1.53 -6.85
N ARG B 406 -29.23 2.27 -5.77
CA ARG B 406 -28.52 1.72 -4.62
C ARG B 406 -29.44 1.00 -3.64
N ILE B 407 -30.71 0.80 -3.98
CA ILE B 407 -31.62 0.09 -3.09
C ILE B 407 -32.18 -1.14 -3.81
N TYR B 408 -32.93 -0.92 -4.88
CA TYR B 408 -33.56 -2.01 -5.64
C TYR B 408 -32.55 -2.43 -6.69
N GLN B 409 -31.80 -3.48 -6.40
CA GLN B 409 -30.60 -3.73 -7.19
C GLN B 409 -30.76 -4.37 -8.59
N PRO B 410 -31.49 -5.48 -8.81
CA PRO B 410 -31.05 -6.46 -9.84
C PRO B 410 -31.14 -5.92 -11.27
N PRO B 411 -32.35 -5.67 -11.85
CA PRO B 411 -32.59 -4.40 -12.55
C PRO B 411 -33.10 -3.26 -11.67
N LEU B 412 -33.36 -2.13 -12.32
CA LEU B 412 -34.21 -1.06 -11.80
C LEU B 412 -35.51 -1.07 -12.58
N ASP B 413 -36.62 -0.80 -11.89
CA ASP B 413 -37.95 -1.04 -12.44
C ASP B 413 -38.80 0.24 -12.33
N TRP B 414 -39.86 0.29 -13.14
CA TRP B 414 -40.93 1.29 -13.02
C TRP B 414 -41.71 1.22 -11.72
N SER B 415 -41.78 0.04 -11.08
CA SER B 415 -42.48 -0.09 -9.81
C SER B 415 -41.83 0.74 -8.72
N ALA B 416 -40.49 0.79 -8.71
CA ALA B 416 -39.77 1.62 -7.75
C ALA B 416 -39.99 3.10 -8.02
N MET B 417 -40.10 3.48 -9.30
CA MET B 417 -40.36 4.87 -9.65
C MET B 417 -41.72 5.33 -9.14
N ARG B 418 -42.77 4.55 -9.41
CA ARG B 418 -44.07 4.97 -8.90
C ARG B 418 -44.20 4.78 -7.38
N TYR B 419 -43.44 3.86 -6.79
CA TYR B 419 -43.40 3.77 -5.33
C TYR B 419 -42.80 5.04 -4.73
N PHE B 420 -41.68 5.51 -5.29
CA PHE B 420 -41.05 6.72 -4.77
C PHE B 420 -41.92 7.95 -4.96
N GLU B 421 -42.56 8.08 -6.13
CA GLU B 421 -43.40 9.26 -6.32
C GLU B 421 -44.67 9.16 -5.48
N GLU B 422 -45.14 7.95 -5.17
CA GLU B 422 -46.26 7.81 -4.24
C GLU B 422 -45.88 8.22 -2.83
N VAL B 423 -44.65 7.88 -2.40
CA VAL B 423 -44.16 8.31 -1.09
C VAL B 423 -44.03 9.82 -1.01
N VAL B 424 -43.48 10.45 -2.05
CA VAL B 424 -43.35 11.92 -2.02
C VAL B 424 -44.73 12.59 -2.12
N GLN B 425 -45.64 12.03 -2.90
CA GLN B 425 -46.97 12.64 -3.02
C GLN B 425 -47.81 12.46 -1.77
N ASN B 426 -47.57 11.41 -0.98
CA ASN B 426 -48.30 11.29 0.28
C ASN B 426 -47.82 12.26 1.35
N CYS B 427 -46.66 12.87 1.18
CA CYS B 427 -46.24 13.92 2.11
C CYS B 427 -47.07 15.16 1.87
N THR B 428 -48.13 15.30 2.67
CA THR B 428 -49.05 16.43 2.57
C THR B 428 -48.63 17.57 3.48
N LEU B 455 -42.93 15.08 -9.51
CA LEU B 455 -42.13 15.19 -8.29
C LEU B 455 -41.91 16.65 -7.91
N PRO B 456 -42.57 17.10 -6.83
CA PRO B 456 -42.60 18.53 -6.50
C PRO B 456 -41.50 18.97 -5.54
N THR B 457 -40.27 19.05 -6.06
CA THR B 457 -39.11 19.70 -5.44
C THR B 457 -38.79 19.06 -4.08
N ILE B 458 -38.28 17.84 -4.16
CA ILE B 458 -37.82 17.12 -2.97
C ILE B 458 -36.67 17.89 -2.35
N THR B 459 -36.84 18.29 -1.10
CA THR B 459 -35.86 19.10 -0.38
C THR B 459 -35.30 18.32 0.80
N ARG B 460 -34.45 19.00 1.58
CA ARG B 460 -33.89 18.36 2.77
C ARG B 460 -34.93 18.23 3.87
N ASP B 461 -35.74 19.28 4.08
CA ASP B 461 -36.72 19.28 5.16
C ASP B 461 -37.80 18.24 4.93
N LEU B 462 -38.13 17.95 3.67
CA LEU B 462 -39.12 16.92 3.39
C LEU B 462 -38.59 15.53 3.75
N VAL B 463 -37.37 15.20 3.35
CA VAL B 463 -36.83 13.86 3.60
C VAL B 463 -36.34 13.69 5.02
N VAL B 464 -36.19 14.77 5.78
CA VAL B 464 -35.96 14.64 7.22
C VAL B 464 -37.32 14.45 7.89
N ARG B 465 -38.31 15.22 7.46
CA ARG B 465 -39.62 15.22 8.12
C ARG B 465 -40.40 13.94 7.83
N CYS B 466 -40.42 13.49 6.58
CA CYS B 466 -41.36 12.44 6.18
C CYS B 466 -40.88 11.08 6.65
N PRO B 467 -41.70 10.33 7.39
CA PRO B 467 -41.35 8.96 7.77
C PRO B 467 -41.49 8.02 6.57
N LEU B 468 -41.10 6.76 6.81
CA LEU B 468 -41.14 5.61 5.88
C LEU B 468 -40.32 5.82 4.60
N LEU B 469 -39.59 6.91 4.51
CA LEU B 469 -38.55 7.13 3.51
C LEU B 469 -37.21 7.39 4.17
N ALA B 470 -37.18 8.29 5.16
CA ALA B 470 -35.98 8.49 5.98
C ALA B 470 -35.62 7.24 6.77
N GLU B 471 -36.63 6.52 7.25
CA GLU B 471 -36.38 5.20 7.81
C GLU B 471 -35.85 4.24 6.75
N ALA B 472 -36.41 4.30 5.54
CA ALA B 472 -35.94 3.44 4.46
C ALA B 472 -34.62 3.92 3.87
N LEU B 473 -34.26 5.18 4.10
CA LEU B 473 -32.97 5.68 3.64
C LEU B 473 -31.86 5.34 4.63
N ALA B 474 -32.10 5.59 5.92
CA ALA B 474 -31.11 5.32 6.95
C ALA B 474 -30.94 3.84 7.25
N ALA B 475 -31.87 2.99 6.85
CA ALA B 475 -31.70 1.55 7.00
C ALA B 475 -30.64 0.99 6.08
N ASN B 476 -30.27 1.71 5.03
CA ASN B 476 -29.23 1.28 4.12
C ASN B 476 -27.87 1.89 4.41
N PHE B 477 -27.81 3.17 4.82
CA PHE B 477 -26.53 3.87 4.96
C PHE B 477 -26.45 4.47 6.35
N ALA B 478 -26.19 3.64 7.36
CA ALA B 478 -25.87 4.16 8.68
C ALA B 478 -24.88 3.31 9.45
N VAL B 479 -24.38 2.21 8.89
CA VAL B 479 -23.68 1.20 9.67
C VAL B 479 -22.25 1.19 9.15
N ARG B 480 -21.77 2.36 8.73
CA ARG B 480 -20.42 2.43 8.21
C ARG B 480 -19.40 2.40 9.36
N PRO B 481 -18.27 1.71 9.18
CA PRO B 481 -17.28 1.63 10.25
C PRO B 481 -16.55 2.95 10.47
N LYS B 482 -16.04 3.12 11.69
CA LYS B 482 -15.55 4.42 12.12
C LYS B 482 -14.11 4.68 11.68
N TYR B 483 -13.23 3.70 11.85
CA TYR B 483 -11.81 3.87 11.57
C TYR B 483 -11.39 2.96 10.43
N ASN B 484 -10.47 3.46 9.61
CA ASN B 484 -9.93 2.71 8.49
C ASN B 484 -9.02 1.59 8.99
N PHE B 485 -9.32 0.37 8.57
CA PHE B 485 -8.53 -0.80 8.94
C PHE B 485 -8.34 -1.68 7.71
N HIS B 486 -7.47 -2.67 7.87
CA HIS B 486 -6.97 -3.42 6.73
C HIS B 486 -6.40 -4.73 7.26
N VAL B 487 -7.05 -5.85 6.98
CA VAL B 487 -6.46 -7.11 7.39
C VAL B 487 -5.33 -7.47 6.44
N SER B 488 -4.26 -7.99 6.99
CA SER B 488 -3.10 -8.26 6.14
C SER B 488 -3.30 -9.56 5.38
N PRO B 489 -2.89 -9.62 4.11
CA PRO B 489 -3.12 -10.83 3.30
C PRO B 489 -2.16 -11.98 3.56
N LYS B 490 -1.40 -11.93 4.66
CA LYS B 490 -0.33 -12.86 5.08
C LYS B 490 0.57 -13.28 3.91
N ARG B 491 1.25 -12.29 3.34
CA ARG B 491 2.17 -12.53 2.24
C ARG B 491 3.60 -12.08 2.53
N THR B 492 3.81 -10.87 3.03
CA THR B 492 5.18 -10.34 3.15
C THR B 492 5.78 -10.59 4.53
N SER B 493 5.17 -10.02 5.57
CA SER B 493 5.75 -10.03 6.91
C SER B 493 5.18 -11.20 7.68
N HIS B 494 5.74 -12.38 7.47
CA HIS B 494 5.24 -13.56 8.16
C HIS B 494 5.71 -13.67 9.60
N SER B 495 6.73 -12.88 9.99
CA SER B 495 7.04 -12.57 11.40
C SER B 495 7.40 -13.82 12.21
N ASN B 496 8.60 -14.34 11.93
CA ASN B 496 9.20 -15.46 12.66
C ASN B 496 9.18 -15.26 14.18
N PHE B 497 8.41 -16.08 14.89
CA PHE B 497 8.32 -15.95 16.35
C PHE B 497 9.44 -16.74 17.04
N MET B 498 9.33 -18.07 17.02
CA MET B 498 10.44 -19.02 17.22
C MET B 498 11.11 -18.85 18.60
N MET B 499 10.35 -19.29 19.61
CA MET B 499 10.68 -19.26 21.03
C MET B 499 12.04 -19.91 21.33
N LEU B 500 12.64 -19.52 22.46
CA LEU B 500 14.06 -19.71 22.78
C LEU B 500 14.21 -20.66 23.98
N THR B 501 13.61 -21.85 23.90
CA THR B 501 13.74 -22.83 24.98
C THR B 501 15.19 -23.33 25.11
N SER B 502 15.45 -24.09 26.17
CA SER B 502 16.81 -24.40 26.59
C SER B 502 17.34 -25.71 26.03
N ASN B 503 16.73 -26.25 24.98
CA ASN B 503 17.23 -27.43 24.30
C ASN B 503 18.11 -26.98 23.13
N LEU B 504 19.43 -27.16 23.28
CA LEU B 504 20.42 -26.54 22.38
C LEU B 504 20.27 -26.98 20.93
N THR B 505 19.77 -28.19 20.70
CA THR B 505 19.41 -28.60 19.35
C THR B 505 18.32 -27.69 18.78
N GLU B 506 17.21 -27.53 19.52
CA GLU B 506 16.13 -26.68 19.06
C GLU B 506 16.56 -25.22 18.96
N VAL B 507 17.55 -24.81 19.76
CA VAL B 507 18.18 -23.51 19.59
C VAL B 507 18.89 -23.41 18.26
N VAL B 508 19.64 -24.45 17.85
CA VAL B 508 20.43 -24.23 16.64
C VAL B 508 19.58 -24.34 15.38
N GLU B 509 18.57 -25.23 15.33
CA GLU B 509 17.66 -25.10 14.18
C GLU B 509 16.74 -23.88 14.27
N SER B 510 16.44 -23.36 15.45
CA SER B 510 15.68 -22.12 15.53
C SER B 510 16.49 -20.94 14.99
N LEU B 511 17.75 -20.81 15.41
CA LEU B 511 18.56 -19.69 14.95
C LEU B 511 19.00 -19.84 13.49
N ASP B 512 19.10 -21.07 12.98
CA ASP B 512 19.34 -21.22 11.55
C ASP B 512 18.09 -20.97 10.73
N ARG B 513 16.92 -21.24 11.31
CA ARG B 513 15.67 -21.05 10.57
C ARG B 513 15.24 -19.58 10.61
N LEU B 514 15.73 -18.82 11.57
CA LEU B 514 15.72 -17.36 11.44
C LEU B 514 16.65 -16.85 10.36
N ARG B 515 17.63 -17.63 9.93
CA ARG B 515 18.58 -17.19 8.91
C ARG B 515 18.18 -17.60 7.50
N ARG B 516 17.46 -18.71 7.37
CA ARG B 516 16.96 -19.11 6.06
C ARG B 516 15.91 -18.15 5.53
N ASN B 517 15.12 -17.54 6.41
CA ASN B 517 14.05 -16.63 6.02
C ASN B 517 14.26 -15.28 6.67
N PRO B 518 14.80 -14.31 5.95
CA PRO B 518 14.99 -12.96 6.51
C PRO B 518 13.77 -12.06 6.30
N ARG B 519 12.76 -12.24 7.15
CA ARG B 519 11.49 -11.58 6.96
C ARG B 519 11.51 -10.20 7.62
N LYS B 520 10.34 -9.58 7.73
CA LYS B 520 10.26 -8.16 8.08
C LYS B 520 10.40 -7.95 9.59
N PHE B 521 9.65 -8.70 10.40
CA PHE B 521 9.74 -8.61 11.85
C PHE B 521 10.21 -9.94 12.42
N ASN B 522 11.04 -9.88 13.46
CA ASN B 522 11.46 -11.08 14.17
C ASN B 522 11.41 -10.79 15.67
N CYS B 523 11.08 -11.80 16.47
CA CYS B 523 10.75 -11.57 17.89
C CYS B 523 11.24 -12.74 18.72
N ILE B 524 12.42 -12.60 19.33
CA ILE B 524 12.98 -13.67 20.15
C ILE B 524 12.68 -13.37 21.62
N ASN B 525 11.69 -14.07 22.17
CA ASN B 525 11.41 -13.98 23.60
C ASN B 525 12.03 -15.17 24.34
N ASP B 526 12.30 -14.99 25.63
CA ASP B 526 13.24 -15.86 26.32
C ASP B 526 12.68 -17.24 26.62
N ASN B 527 11.70 -17.31 27.51
CA ASN B 527 11.15 -18.56 28.07
C ASN B 527 12.29 -19.48 28.52
N LEU B 528 13.18 -18.93 29.35
CA LEU B 528 14.41 -19.60 29.71
C LEU B 528 14.29 -20.28 31.06
N ASP B 529 14.92 -21.45 31.18
CA ASP B 529 15.04 -22.13 32.45
C ASP B 529 15.99 -21.39 33.37
N ALA B 530 15.77 -21.53 34.67
CA ALA B 530 16.64 -20.94 35.67
C ALA B 530 17.40 -21.96 36.50
N ASN B 531 17.01 -23.23 36.46
CA ASN B 531 17.76 -24.27 37.17
C ASN B 531 19.08 -24.57 36.46
N ARG B 532 19.06 -24.65 35.13
CA ARG B 532 20.25 -24.99 34.36
C ARG B 532 21.08 -23.73 34.17
N GLY B 533 21.96 -23.46 35.14
CA GLY B 533 22.87 -22.34 35.00
C GLY B 533 24.07 -22.61 34.11
N GLU B 534 24.24 -23.84 33.66
CA GLU B 534 25.38 -24.21 32.81
C GLU B 534 25.04 -24.22 31.33
N ASP B 535 23.85 -24.67 30.96
CA ASP B 535 23.41 -24.62 29.57
C ASP B 535 22.98 -23.22 29.16
N ASN B 536 22.38 -22.46 30.08
CA ASN B 536 21.92 -21.11 29.82
C ASN B 536 23.01 -20.06 29.94
N GLU B 537 24.28 -20.46 29.91
CA GLU B 537 25.38 -19.58 29.63
C GLU B 537 25.84 -19.76 28.18
N MET B 538 25.89 -21.01 27.74
CA MET B 538 26.16 -21.32 26.34
C MET B 538 25.04 -20.85 25.43
N VAL B 539 23.80 -20.83 25.93
CA VAL B 539 22.69 -20.29 25.15
C VAL B 539 22.87 -18.79 24.91
N ARG B 540 23.21 -18.04 25.96
CA ARG B 540 23.40 -16.60 25.80
C ARG B 540 24.65 -16.26 25.00
N HIS B 541 25.67 -17.13 25.04
CA HIS B 541 26.79 -16.92 24.14
C HIS B 541 26.46 -17.31 22.70
N LEU B 542 25.58 -18.28 22.50
CA LEU B 542 25.21 -18.70 21.16
C LEU B 542 24.32 -17.67 20.48
N LEU B 543 23.44 -17.04 21.25
CA LEU B 543 22.58 -16.00 20.72
C LEU B 543 23.39 -14.76 20.34
N GLU B 544 24.49 -14.51 21.03
CA GLU B 544 25.36 -13.40 20.69
C GLU B 544 26.05 -13.63 19.36
N ASP B 545 26.30 -14.88 18.98
CA ASP B 545 26.79 -15.19 17.65
C ASP B 545 25.75 -14.87 16.59
N PHE B 546 24.46 -15.04 16.90
CA PHE B 546 23.41 -14.72 15.95
C PHE B 546 23.26 -13.21 15.77
N TYR B 547 23.20 -12.46 16.87
CA TYR B 547 22.89 -11.03 16.76
C TYR B 547 24.08 -10.23 16.23
N LEU B 548 25.30 -10.73 16.37
CA LEU B 548 26.43 -10.10 15.68
C LEU B 548 26.58 -10.57 14.25
N SER B 549 25.90 -11.65 13.86
CA SER B 549 25.98 -12.13 12.48
C SER B 549 25.24 -11.23 11.50
N PHE B 550 24.35 -10.40 11.98
CA PHE B 550 23.57 -9.50 11.14
C PHE B 550 23.86 -8.03 11.41
N PHE B 551 24.09 -7.66 12.67
CA PHE B 551 24.15 -6.26 13.10
C PHE B 551 25.43 -6.00 13.85
N PRO B 552 26.59 -5.97 13.17
CA PRO B 552 27.85 -5.80 13.90
C PRO B 552 28.35 -4.37 14.05
N ARG B 553 27.82 -3.41 13.30
CA ARG B 553 28.29 -2.04 13.37
C ARG B 553 27.72 -1.35 14.60
N ARG B 554 28.55 -0.56 15.28
CA ARG B 554 28.09 0.25 16.39
C ARG B 554 27.24 1.39 15.87
N SER B 555 25.93 1.33 16.14
CA SER B 555 25.01 2.34 15.67
C SER B 555 25.23 3.65 16.42
N LYS B 556 24.64 4.73 15.88
CA LYS B 556 24.85 6.05 16.44
C LYS B 556 24.09 6.28 17.74
N PHE B 557 23.20 5.36 18.12
CA PHE B 557 22.55 5.45 19.42
C PHE B 557 23.48 5.11 20.57
N GLU B 558 24.59 4.41 20.30
CA GLU B 558 25.44 3.85 21.33
C GLU B 558 26.72 4.65 21.47
N LEU B 559 27.04 5.04 22.70
CA LEU B 559 28.27 5.75 22.98
C LEU B 559 29.47 4.82 22.81
N PRO B 560 30.62 5.35 22.42
CA PRO B 560 31.80 4.49 22.21
C PRO B 560 32.35 3.96 23.52
N PRO B 561 32.60 2.65 23.62
CA PRO B 561 33.24 2.06 24.80
C PRO B 561 34.73 2.34 24.85
CA CA C . 32.01 -9.76 6.84
CA CA D . -28.45 17.96 -5.84
#